data_8XSJ
#
_entry.id   8XSJ
#
_cell.length_a   1.00
_cell.length_b   1.00
_cell.length_c   1.00
_cell.angle_alpha   90.00
_cell.angle_beta   90.00
_cell.angle_gamma   90.00
#
_symmetry.space_group_name_H-M   'P 1'
#
loop_
_entity.id
_entity.type
_entity.pdbx_description
1 polymer 'Angiotensin-converting enzyme 2'
2 polymer 'Spike protein S1'
3 polymer 'IMCAS-316 H chain'
4 polymer 'IMCAS-316 L chain'
5 branched 2-acetamido-2-deoxy-beta-D-glucopyranose-(1-4)-2-acetamido-2-deoxy-beta-D-glucopyranose
6 non-polymer 2-acetamido-2-deoxy-beta-D-glucopyranose
7 non-polymer 'ZINC ION'
#
loop_
_entity_poly.entity_id
_entity_poly.type
_entity_poly.pdbx_seq_one_letter_code
_entity_poly.pdbx_strand_id
1 'polypeptide(L)'
;MSSSSWLLLSLVAVTAAQSTIEEQAKTFLDKFNHEAEDLFYQSSLASWNYNTNITEENVQNMNNAGDKWSAFLKEQSTLA
QMYPLQEIQNLTVKLQLQALQQNGSSVLSEDKSKRLNTILNTMSTIYSTGKVCNPDNPQECLLLEPGLNEIMANSLDYNE
RLWAWESWRSEVGKQLRPLYEEYVVLKNEMARANHYEDYGDYWRGDYEVNGVDGYDYSRGQLIEDVEHTFEEIKPLYEHL
HAYVRAKLMNAYPSYISPIGCLPAHLLGDMWGRFWTNLYSLTVPFGQKPNIDVTDAMVDQAWDAQRIFKEAEKFFVSVGL
PNMTQGFWENSMLTDPGNVQKAVCHPTAWDLGKGDFRILMCTKVTMDDFLTAHHEMGHIQYDMAYAAQPFLLRNGANEGF
HEAVGEIMSLSAATPKHLKSIGLLSPDFQEDNETEINFLLKQALTIVGTLPFTYMLEKWRWMVFKGEIPKDQWMKKWWEM
KREIVGVVEPVPHDETYCDPASLFHVSNDYSFIRYYTRTLYQFQFQEALCQAAKHEGPLHKCDISNSTEAGQKLFNMLRL
GKSEPWTLALENVVGAKNMNVRPLLNYFEPLFTWLKDQNKNSFVGWSTDWSPYADQSIKVRISLKSALGDKAYEWNDNEM
YLFRSSVAYAMRQYFLKVKNQMILFGEEDVRVANLKPRISFNFFVTAPKNVSDIIPRTEVEKAIRMSRSRINDAFRLNDN
SLEFLGIQPTLGPPNQPPVSIWLIVFGVVMGVIVVGIVILIFTGIRDRKKKNKARSGENPYASIDISKGENNPGFQNTDD
VQTSF
;
A
2 'polypeptide(L)'
;RVQPTESIVRFPNITNLCPFDEVFNATRFASVYAWNRKRISNCVADYSVLYNFAPFFAFKCYGVSPTKLNDLCFTNVYAD
SFVIRGNEVSQIAPGQTGNIADYNYKLPDDFTGCVIAWNSNKLDSKVGGNYNYRYRLFRKSNLKPFERDISTEIYQAGNK
PCNGVAGVNCYFPLQSYGFRPTYGVGHQPYRVVVLSFELLHAPATVCGPKKSTNLVKNKCVNF
;
B
3 'polypeptide(L)'
;QVQLVESGGGVVQPGRSLRLSCAASGFTFSNYGMHWVRQAPGKGLEWVAVISHDASNKYYADSVKGRFTISRDNSKNTQY
LQMNSLRAEDTAVYYCAKGGGYSYVVDMGPYWGQGTLVTVSSASTKGPSVFPLAPSSKSTSGGTAALGCLVKDYFPEPVT
VSWNSGALTSGVHTFPAVLQSSGLYSLSSVVTVPSSSLGTQTYICNVNHKPSNTKVDKRVEPKSCDKTHT
;
H
4 'polypeptide(L)'
;DIQMTQSPSSLSASVGDRVTITCRASQSISNYLNWYQQKPGKAPKLLIYDASNLETGVPSRFSGSGSGADFTFTIGSLQP
EDSATYYCQQYDNLPLTFGGGTKVEIKGTVAAPSVFIFPPSDEQLKSGTASVVCLLNNFYPREAKVQWKVDNALQSGNSQ
ESVTEQDSKDSTYSLSSTLTLSKADYEKHKVYACEVTHQGLSSPVTKSFNRGECS
;
L
#
loop_
_chem_comp.id
_chem_comp.type
_chem_comp.name
_chem_comp.formula
NAG D-saccharide, beta linking 2-acetamido-2-deoxy-beta-D-glucopyranose 'C8 H15 N O6'
ZN non-polymer 'ZINC ION' 'Zn 2'
#
# COMPACT_ATOMS: atom_id res chain seq x y z
N SER A 19 2.32 5.73 24.85
CA SER A 19 2.46 6.43 23.58
C SER A 19 2.38 7.94 23.78
N THR A 20 3.38 8.65 23.29
CA THR A 20 3.40 10.10 23.41
C THR A 20 2.44 10.75 22.40
N ILE A 21 2.28 12.05 22.53
CA ILE A 21 1.37 12.78 21.65
C ILE A 21 1.90 12.78 20.22
N GLU A 22 3.23 12.85 20.06
CA GLU A 22 3.81 12.95 18.72
C GLU A 22 3.50 11.72 17.87
N GLU A 23 3.58 10.53 18.46
CA GLU A 23 3.30 9.31 17.70
C GLU A 23 1.84 9.26 17.26
N GLN A 24 0.92 9.66 18.14
CA GLN A 24 -0.49 9.71 17.76
C GLN A 24 -0.70 10.72 16.64
N ALA A 25 -0.03 11.87 16.72
CA ALA A 25 -0.14 12.86 15.66
C ALA A 25 0.37 12.30 14.33
N LYS A 26 1.48 11.58 14.35
CA LYS A 26 2.03 11.02 13.12
C LYS A 26 1.09 9.98 12.53
N THR A 27 0.52 9.10 13.36
CA THR A 27 -0.41 8.11 12.85
C THR A 27 -1.64 8.78 12.25
N PHE A 28 -2.17 9.80 12.94
CA PHE A 28 -3.30 10.55 12.42
C PHE A 28 -2.97 11.18 11.08
N LEU A 29 -1.78 11.75 10.94
CA LEU A 29 -1.40 12.41 9.71
C LEU A 29 -1.23 11.40 8.57
N ASP A 30 -0.68 10.22 8.87
CA ASP A 30 -0.54 9.19 7.84
C ASP A 30 -1.91 8.76 7.31
N LYS A 31 -2.82 8.45 8.23
CA LYS A 31 -4.18 8.08 7.81
C LYS A 31 -4.83 9.19 7.00
N PHE A 32 -4.72 10.43 7.50
CA PHE A 32 -5.28 11.58 6.81
C PHE A 32 -4.74 11.70 5.40
N ASN A 33 -3.42 11.59 5.24
CA ASN A 33 -2.82 11.71 3.93
C ASN A 33 -3.31 10.62 2.98
N HIS A 34 -3.39 9.39 3.48
CA HIS A 34 -3.78 8.30 2.59
CA HIS A 34 -3.78 8.28 2.61
C HIS A 34 -5.20 8.47 2.06
N GLU A 35 -6.15 8.87 2.92
CA GLU A 35 -7.47 9.10 2.32
C GLU A 35 -7.55 10.44 1.57
N ALA A 36 -6.78 11.44 1.98
CA ALA A 36 -6.83 12.74 1.33
C ALA A 36 -6.37 12.67 -0.11
N GLU A 37 -5.33 11.88 -0.37
CA GLU A 37 -4.84 11.74 -1.75
C GLU A 37 -5.95 11.24 -2.66
N ASP A 38 -6.64 10.17 -2.26
CA ASP A 38 -7.69 9.60 -3.11
C ASP A 38 -8.86 10.57 -3.27
N LEU A 39 -9.31 11.18 -2.17
CA LEU A 39 -10.45 12.07 -2.26
C LEU A 39 -10.14 13.29 -3.11
N PHE A 40 -8.94 13.87 -2.94
CA PHE A 40 -8.56 15.03 -3.72
C PHE A 40 -8.39 14.67 -5.19
N TYR A 41 -7.85 13.50 -5.48
CA TYR A 41 -7.74 13.09 -6.88
C TYR A 41 -9.12 12.95 -7.52
N GLN A 42 -10.07 12.36 -6.79
CA GLN A 42 -11.42 12.23 -7.34
C GLN A 42 -12.02 13.61 -7.61
N SER A 43 -11.88 14.54 -6.65
CA SER A 43 -12.43 15.88 -6.85
C SER A 43 -11.76 16.59 -8.01
N SER A 44 -10.43 16.45 -8.13
CA SER A 44 -9.70 17.14 -9.19
C SER A 44 -10.06 16.59 -10.56
N LEU A 45 -10.21 15.27 -10.68
CA LEU A 45 -10.63 14.69 -11.95
C LEU A 45 -12.05 15.13 -12.30
N ALA A 46 -12.94 15.19 -11.31
CA ALA A 46 -14.28 15.70 -11.57
C ALA A 46 -14.24 17.13 -12.07
N SER A 47 -13.40 17.97 -11.45
CA SER A 47 -13.29 19.36 -11.89
C SER A 47 -12.72 19.46 -13.29
N TRP A 48 -11.74 18.61 -13.62
CA TRP A 48 -11.19 18.62 -14.98
C TRP A 48 -12.26 18.24 -15.99
N ASN A 49 -13.09 17.24 -15.66
CA ASN A 49 -14.18 16.87 -16.54
C ASN A 49 -15.18 18.00 -16.71
N TYR A 50 -15.46 18.74 -15.61
CA TYR A 50 -16.39 19.86 -15.71
C TYR A 50 -15.81 21.03 -16.48
N ASN A 51 -14.49 21.16 -16.51
CA ASN A 51 -13.90 22.27 -17.27
C ASN A 51 -13.65 21.91 -18.73
N THR A 52 -13.55 20.62 -19.05
CA THR A 52 -13.40 20.21 -20.45
C THR A 52 -14.76 20.09 -21.11
N ASN A 53 -15.63 19.23 -20.58
CA ASN A 53 -17.03 19.18 -20.99
C ASN A 53 -17.84 20.15 -20.15
N ILE A 54 -19.10 20.33 -20.52
CA ILE A 54 -20.03 21.15 -19.75
C ILE A 54 -21.39 20.48 -19.82
N THR A 55 -21.88 19.96 -18.69
CA THR A 55 -23.19 19.32 -18.62
C THR A 55 -23.61 19.33 -17.15
N GLU A 56 -24.93 19.34 -16.94
CA GLU A 56 -25.45 19.35 -15.57
C GLU A 56 -24.98 18.13 -14.78
N GLU A 57 -24.83 16.99 -15.45
CA GLU A 57 -24.34 15.79 -14.78
C GLU A 57 -22.91 15.99 -14.29
N ASN A 58 -22.07 16.63 -15.10
CA ASN A 58 -20.71 16.93 -14.67
C ASN A 58 -20.70 17.88 -13.47
N VAL A 59 -21.60 18.87 -13.48
CA VAL A 59 -21.69 19.78 -12.35
C VAL A 59 -22.09 19.04 -11.09
N GLN A 60 -23.05 18.12 -11.20
CA GLN A 60 -23.47 17.34 -10.04
C GLN A 60 -22.35 16.46 -9.52
N ASN A 61 -21.60 15.82 -10.42
CA ASN A 61 -20.50 14.96 -9.99
C ASN A 61 -19.43 15.79 -9.29
N MET A 62 -19.09 16.95 -9.85
CA MET A 62 -18.10 17.83 -9.23
C MET A 62 -18.57 18.28 -7.85
N ASN A 63 -19.85 18.64 -7.73
CA ASN A 63 -20.38 19.08 -6.44
C ASN A 63 -20.35 17.96 -5.42
N ASN A 64 -20.66 16.72 -5.84
CA ASN A 64 -20.60 15.59 -4.92
C ASN A 64 -19.18 15.36 -4.43
N ALA A 65 -18.21 15.40 -5.34
CA ALA A 65 -16.82 15.21 -4.94
C ALA A 65 -16.36 16.32 -4.00
N GLY A 66 -16.74 17.57 -4.31
CA GLY A 66 -16.36 18.67 -3.44
C GLY A 66 -16.99 18.58 -2.06
N ASP A 67 -18.26 18.18 -1.99
CA ASP A 67 -18.91 18.02 -0.70
C ASP A 67 -18.26 16.91 0.11
N LYS A 68 -17.92 15.79 -0.52
CA LYS A 68 -17.23 14.73 0.19
C LYS A 68 -15.88 15.20 0.72
N TRP A 69 -15.12 15.93 -0.11
CA TRP A 69 -13.82 16.43 0.31
C TRP A 69 -13.95 17.41 1.48
N SER A 70 -14.92 18.32 1.40
CA SER A 70 -15.11 19.29 2.47
C SER A 70 -15.58 18.63 3.77
N ALA A 71 -16.47 17.65 3.66
CA ALA A 71 -16.91 16.92 4.85
C ALA A 71 -15.76 16.17 5.49
N PHE A 72 -14.91 15.53 4.68
CA PHE A 72 -13.75 14.84 5.22
C PHE A 72 -12.81 15.83 5.90
N LEU A 73 -12.60 17.00 5.29
CA LEU A 73 -11.72 18.00 5.90
C LEU A 73 -12.27 18.47 7.24
N LYS A 74 -13.58 18.72 7.31
CA LYS A 74 -14.18 19.18 8.56
C LYS A 74 -14.09 18.11 9.65
N GLU A 75 -14.38 16.86 9.29
CA GLU A 75 -14.32 15.78 10.28
C GLU A 75 -12.89 15.57 10.78
N GLN A 76 -11.90 15.66 9.89
CA GLN A 76 -10.52 15.50 10.33
C GLN A 76 -10.04 16.70 11.12
N SER A 77 -10.54 17.90 10.81
CA SER A 77 -10.20 19.08 11.59
C SER A 77 -10.76 18.98 13.00
N THR A 78 -11.97 18.44 13.13
CA THR A 78 -12.60 18.33 14.45
C THR A 78 -11.76 17.44 15.38
N LEU A 79 -11.23 16.33 14.86
CA LEU A 79 -10.46 15.41 15.68
C LEU A 79 -9.07 15.95 16.01
N ALA A 80 -8.63 17.01 15.32
CA ALA A 80 -7.26 17.49 15.48
C ALA A 80 -7.03 18.25 16.77
N GLN A 81 -8.06 18.84 17.37
CA GLN A 81 -7.84 19.70 18.53
C GLN A 81 -7.50 18.91 19.80
N MET A 82 -7.75 17.61 19.83
CA MET A 82 -7.48 16.86 21.05
C MET A 82 -6.02 16.44 21.16
N TYR A 83 -5.18 16.79 20.18
CA TYR A 83 -3.74 16.78 20.36
C TYR A 83 -3.30 18.20 20.65
N PRO A 84 -2.93 18.54 21.87
CA PRO A 84 -2.45 19.90 22.14
C PRO A 84 -1.22 20.22 21.30
N LEU A 85 -1.16 21.47 20.84
CA LEU A 85 -0.16 21.89 19.86
C LEU A 85 1.17 22.31 20.49
N GLN A 86 1.24 22.43 21.82
CA GLN A 86 2.43 22.95 22.48
C GLN A 86 3.40 21.85 22.90
N GLU A 87 3.14 20.59 22.55
CA GLU A 87 4.03 19.49 22.91
C GLU A 87 4.72 18.85 21.72
N ILE A 88 4.37 19.21 20.49
CA ILE A 88 4.95 18.59 19.31
C ILE A 88 6.17 19.40 18.88
N GLN A 89 7.32 18.73 18.76
CA GLN A 89 8.57 19.35 18.34
C GLN A 89 9.15 18.50 17.22
N ASN A 90 8.69 18.75 15.99
CA ASN A 90 9.25 18.08 14.82
C ASN A 90 9.45 19.02 13.63
N LEU A 91 8.84 20.19 13.62
CA LEU A 91 9.01 21.26 12.62
C LEU A 91 8.43 20.92 11.26
N THR A 92 7.82 19.75 11.09
CA THR A 92 6.99 19.48 9.93
C THR A 92 5.67 18.81 10.26
N VAL A 93 5.59 18.09 11.39
CA VAL A 93 4.30 17.60 11.84
C VAL A 93 3.43 18.74 12.35
N LYS A 94 4.04 19.72 13.02
CA LYS A 94 3.29 20.83 13.59
C LYS A 94 2.65 21.69 12.50
N LEU A 95 3.32 21.83 11.34
CA LEU A 95 2.77 22.65 10.27
C LEU A 95 1.47 22.07 9.72
N GLN A 96 1.42 20.74 9.53
CA GLN A 96 0.21 20.13 9.02
C GLN A 96 -0.93 20.21 10.03
N LEU A 97 -0.63 19.94 11.30
CA LEU A 97 -1.66 19.99 12.32
C LEU A 97 -2.11 21.41 12.59
N GLN A 98 -1.26 22.39 12.30
CA GLN A 98 -1.66 23.79 12.41
C GLN A 98 -2.72 24.13 11.36
N ALA A 99 -2.52 23.68 10.12
CA ALA A 99 -3.51 23.91 9.08
C ALA A 99 -4.79 23.13 9.37
N LEU A 100 -4.65 21.96 9.98
CA LEU A 100 -5.85 21.16 10.30
C LEU A 100 -6.64 21.79 11.44
N GLN A 101 -5.95 22.37 12.43
CA GLN A 101 -6.59 22.89 13.63
C GLN A 101 -7.22 24.26 13.44
N GLN A 102 -6.97 24.93 12.32
CA GLN A 102 -7.58 26.23 12.08
C GLN A 102 -9.09 26.12 12.05
N ASN A 103 -9.77 27.01 12.77
CA ASN A 103 -11.21 26.94 12.94
C ASN A 103 -11.95 27.68 11.83
N GLY A 104 -11.66 28.97 11.67
CA GLY A 104 -12.30 29.77 10.65
C GLY A 104 -13.68 30.27 11.05
N SER A 105 -14.68 29.94 10.24
CA SER A 105 -16.05 30.35 10.51
C SER A 105 -16.79 29.39 11.44
N SER A 106 -16.15 28.31 11.87
CA SER A 106 -16.81 27.34 12.73
C SER A 106 -17.05 27.86 14.14
N VAL A 107 -16.24 28.81 14.60
CA VAL A 107 -16.40 29.32 15.96
C VAL A 107 -17.70 30.09 16.10
N LEU A 108 -18.09 30.82 15.07
CA LEU A 108 -19.30 31.62 15.12
C LEU A 108 -20.53 30.72 15.20
N SER A 109 -21.63 31.29 15.68
CA SER A 109 -22.88 30.56 15.79
C SER A 109 -23.43 30.26 14.40
N GLU A 110 -24.44 29.39 14.37
CA GLU A 110 -25.04 29.01 13.09
C GLU A 110 -25.68 30.20 12.40
N ASP A 111 -26.39 31.03 13.16
CA ASP A 111 -26.99 32.23 12.58
C ASP A 111 -25.93 33.18 12.04
N LYS A 112 -24.84 33.35 12.79
CA LYS A 112 -23.76 34.23 12.33
C LYS A 112 -23.12 33.71 11.05
N SER A 113 -22.87 32.40 10.98
CA SER A 113 -22.29 31.81 9.77
C SER A 113 -23.22 31.98 8.59
N LYS A 114 -24.51 31.72 8.78
CA LYS A 114 -25.48 31.91 7.70
C LYS A 114 -25.53 33.36 7.24
N ARG A 115 -25.49 34.30 8.19
CA ARG A 115 -25.51 35.71 7.84
C ARG A 115 -24.27 36.09 7.03
N LEU A 116 -23.10 35.62 7.45
CA LEU A 116 -21.87 35.92 6.73
C LEU A 116 -21.89 35.34 5.32
N ASN A 117 -22.34 34.10 5.18
CA ASN A 117 -22.42 33.48 3.86
C ASN A 117 -23.39 34.24 2.97
N THR A 118 -24.54 34.63 3.52
CA THR A 118 -25.51 35.39 2.73
C THR A 118 -24.93 36.73 2.29
N ILE A 119 -24.19 37.40 3.18
CA ILE A 119 -23.61 38.70 2.83
C ILE A 119 -22.58 38.52 1.72
N LEU A 120 -21.71 37.51 1.83
CA LEU A 120 -20.70 37.30 0.80
C LEU A 120 -21.35 36.96 -0.54
N ASN A 121 -22.35 36.09 -0.54
CA ASN A 121 -23.03 35.73 -1.78
C ASN A 121 -23.75 36.94 -2.37
N THR A 122 -24.34 37.78 -1.53
CA THR A 122 -25.01 38.99 -2.01
C THR A 122 -24.02 39.93 -2.68
N MET A 123 -22.86 40.15 -2.06
CA MET A 123 -21.87 41.02 -2.67
C MET A 123 -21.38 40.45 -3.99
N SER A 124 -21.12 39.14 -4.03
CA SER A 124 -20.65 38.53 -5.27
C SER A 124 -21.68 38.65 -6.38
N THR A 125 -22.96 38.39 -6.07
CA THR A 125 -24.01 38.48 -7.07
C THR A 125 -24.18 39.92 -7.55
N ILE A 126 -24.13 40.89 -6.63
CA ILE A 126 -24.31 42.28 -7.03
C ILE A 126 -23.16 42.73 -7.92
N TYR A 127 -21.93 42.38 -7.56
CA TYR A 127 -20.78 42.79 -8.37
C TYR A 127 -20.81 42.13 -9.74
N SER A 128 -21.06 40.82 -9.80
CA SER A 128 -21.05 40.11 -11.07
C SER A 128 -22.21 40.50 -11.97
N THR A 129 -23.26 41.10 -11.43
CA THR A 129 -24.45 41.44 -12.21
C THR A 129 -24.72 42.94 -12.19
N GLY A 130 -23.68 43.75 -12.38
CA GLY A 130 -23.82 45.19 -12.42
C GLY A 130 -23.92 45.69 -13.85
N LYS A 131 -24.94 46.50 -14.11
CA LYS A 131 -25.19 47.05 -15.43
C LYS A 131 -25.36 48.57 -15.31
N VAL A 132 -25.06 49.27 -16.40
CA VAL A 132 -25.22 50.71 -16.46
C VAL A 132 -26.08 51.05 -17.66
N CYS A 133 -27.19 51.74 -17.44
CA CYS A 133 -28.11 52.11 -18.51
C CYS A 133 -27.97 53.58 -18.82
N ASN A 134 -27.85 53.91 -20.10
CA ASN A 134 -27.67 55.30 -20.50
C ASN A 134 -28.94 56.10 -20.20
N PRO A 135 -28.78 57.39 -19.86
CA PRO A 135 -29.95 58.19 -19.46
C PRO A 135 -30.96 58.33 -20.59
N ASP A 136 -32.24 58.40 -20.20
CA ASP A 136 -33.36 58.63 -21.11
C ASP A 136 -33.46 57.57 -22.20
N ASN A 137 -32.99 56.35 -21.90
CA ASN A 137 -33.08 55.26 -22.86
C ASN A 137 -32.98 53.92 -22.14
N PRO A 138 -34.10 53.39 -21.61
CA PRO A 138 -34.04 52.08 -20.94
C PRO A 138 -33.65 50.94 -21.85
N GLN A 139 -33.76 51.10 -23.17
CA GLN A 139 -33.49 50.03 -24.12
C GLN A 139 -32.01 49.96 -24.52
N GLU A 140 -31.12 50.48 -23.70
CA GLU A 140 -29.69 50.43 -24.00
C GLU A 140 -28.93 50.41 -22.67
N CYS A 141 -28.41 49.24 -22.31
CA CYS A 141 -27.64 49.08 -21.08
C CYS A 141 -26.39 48.28 -21.39
N LEU A 142 -25.28 48.64 -20.73
CA LEU A 142 -23.98 48.06 -20.96
C LEU A 142 -23.48 47.37 -19.71
N LEU A 143 -22.70 46.32 -19.91
CA LEU A 143 -22.13 45.51 -18.85
C LEU A 143 -20.71 46.00 -18.55
N LEU A 144 -19.98 45.22 -17.74
CA LEU A 144 -18.57 45.49 -17.48
C LEU A 144 -17.68 44.79 -18.49
N GLU A 145 -17.80 43.47 -18.60
CA GLU A 145 -17.02 42.68 -19.54
C GLU A 145 -17.93 41.90 -20.47
N PRO A 146 -18.18 42.38 -21.70
CA PRO A 146 -17.65 43.64 -22.23
C PRO A 146 -18.50 44.83 -21.80
N GLY A 147 -18.20 46.01 -22.34
CA GLY A 147 -18.94 47.20 -21.98
C GLY A 147 -18.06 48.31 -21.46
N LEU A 148 -18.21 48.64 -20.18
CA LEU A 148 -17.46 49.75 -19.59
C LEU A 148 -15.96 49.55 -19.71
N ASN A 149 -15.48 48.30 -19.62
CA ASN A 149 -14.06 48.04 -19.77
C ASN A 149 -13.57 48.44 -21.14
N GLU A 150 -14.24 47.96 -22.20
CA GLU A 150 -13.84 48.31 -23.56
C GLU A 150 -13.99 49.81 -23.80
N ILE A 151 -15.07 50.40 -23.31
CA ILE A 151 -15.31 51.83 -23.52
C ILE A 151 -14.18 52.64 -22.92
N MET A 152 -13.83 52.39 -21.67
CA MET A 152 -12.83 53.23 -21.04
C MET A 152 -11.41 52.80 -21.39
N ALA A 153 -11.23 51.63 -22.01
CA ALA A 153 -9.93 51.23 -22.53
C ALA A 153 -9.67 51.70 -23.95
N ASN A 154 -10.71 52.08 -24.69
CA ASN A 154 -10.49 52.51 -26.07
C ASN A 154 -11.26 53.77 -26.44
N SER A 155 -11.40 54.74 -25.53
CA SER A 155 -12.05 56.00 -25.82
C SER A 155 -11.16 57.15 -25.39
N LEU A 156 -11.26 58.26 -26.11
CA LEU A 156 -10.51 59.48 -25.82
C LEU A 156 -11.41 60.65 -25.45
N ASP A 157 -12.69 60.40 -25.17
CA ASP A 157 -13.63 61.46 -24.84
C ASP A 157 -13.71 61.64 -23.33
N TYR A 158 -13.57 62.89 -22.88
CA TYR A 158 -13.58 63.18 -21.46
C TYR A 158 -14.94 62.88 -20.84
N ASN A 159 -16.02 63.21 -21.54
CA ASN A 159 -17.36 63.00 -20.99
C ASN A 159 -17.71 61.53 -20.92
N GLU A 160 -17.26 60.73 -21.89
CA GLU A 160 -17.61 59.31 -21.91
C GLU A 160 -16.88 58.55 -20.79
N ARG A 161 -15.59 58.80 -20.62
CA ARG A 161 -14.84 58.18 -19.54
C ARG A 161 -15.39 58.60 -18.19
N LEU A 162 -15.71 59.88 -18.03
CA LEU A 162 -16.30 60.35 -16.79
C LEU A 162 -17.64 59.67 -16.53
N TRP A 163 -18.45 59.52 -17.57
CA TRP A 163 -19.74 58.86 -17.41
C TRP A 163 -19.58 57.43 -16.92
N ALA A 164 -18.70 56.66 -17.57
CA ALA A 164 -18.50 55.28 -17.17
C ALA A 164 -17.96 55.18 -15.75
N TRP A 165 -16.95 56.00 -15.43
CA TRP A 165 -16.32 55.94 -14.12
C TRP A 165 -17.31 56.30 -13.01
N GLU A 166 -18.13 57.34 -13.23
CA GLU A 166 -19.11 57.74 -12.23
C GLU A 166 -20.23 56.72 -12.12
N SER A 167 -20.65 56.15 -13.25
CA SER A 167 -21.76 55.21 -13.25
C SER A 167 -21.41 53.95 -12.48
N TRP A 168 -20.16 53.46 -12.62
CA TRP A 168 -19.81 52.23 -11.93
C TRP A 168 -19.92 52.37 -10.42
N ARG A 169 -19.45 53.50 -9.88
CA ARG A 169 -19.51 53.73 -8.44
C ARG A 169 -20.83 54.33 -7.99
N SER A 170 -21.70 54.73 -8.91
CA SER A 170 -23.03 55.21 -8.54
C SER A 170 -24.04 54.08 -8.47
N GLU A 171 -24.09 53.23 -9.50
CA GLU A 171 -25.00 52.09 -9.48
C GLU A 171 -24.46 50.96 -8.61
N VAL A 172 -23.31 50.41 -8.99
CA VAL A 172 -22.73 49.30 -8.24
C VAL A 172 -22.11 49.81 -6.94
N GLY A 173 -21.45 50.97 -6.99
CA GLY A 173 -20.67 51.41 -5.84
C GLY A 173 -21.49 51.65 -4.60
N LYS A 174 -22.63 52.35 -4.75
CA LYS A 174 -23.45 52.69 -3.60
C LYS A 174 -24.24 51.49 -3.07
N GLN A 175 -24.24 50.37 -3.77
CA GLN A 175 -25.05 49.21 -3.41
C GLN A 175 -24.35 48.24 -2.46
N LEU A 176 -23.11 48.51 -2.06
CA LEU A 176 -22.36 47.56 -1.24
C LEU A 176 -21.87 48.14 0.07
N ARG A 177 -22.25 49.36 0.43
CA ARG A 177 -21.67 49.91 1.66
C ARG A 177 -22.34 49.34 2.91
N PRO A 178 -23.68 49.28 2.99
CA PRO A 178 -24.28 48.62 4.18
C PRO A 178 -23.88 47.17 4.32
N LEU A 179 -23.74 46.44 3.22
CA LEU A 179 -23.31 45.03 3.32
C LEU A 179 -21.88 44.91 3.80
N TYR A 180 -21.04 45.90 3.50
CA TYR A 180 -19.68 45.94 4.02
C TYR A 180 -19.61 46.50 5.44
N GLU A 181 -20.68 47.14 5.92
CA GLU A 181 -20.67 47.69 7.27
C GLU A 181 -20.68 46.59 8.33
N GLU A 182 -21.57 45.62 8.20
CA GLU A 182 -21.64 44.50 9.13
C GLU A 182 -20.52 43.50 8.91
N TYR A 183 -19.97 43.46 7.71
CA TYR A 183 -18.85 42.55 7.39
C TYR A 183 -17.69 42.78 8.35
N VAL A 184 -17.32 44.04 8.56
CA VAL A 184 -16.19 44.35 9.41
C VAL A 184 -16.44 43.88 10.84
N VAL A 185 -17.59 44.24 11.40
CA VAL A 185 -17.88 43.94 12.79
C VAL A 185 -18.17 42.47 13.03
N LEU A 186 -18.45 41.70 11.98
CA LEU A 186 -18.64 40.27 12.15
C LEU A 186 -17.33 39.49 12.01
N LYS A 187 -16.55 39.80 10.97
CA LYS A 187 -15.23 39.18 10.86
C LYS A 187 -14.34 39.57 12.01
N ASN A 188 -14.55 40.75 12.60
CA ASN A 188 -13.77 41.16 13.75
C ASN A 188 -13.99 40.21 14.92
N GLU A 189 -15.25 39.89 15.22
CA GLU A 189 -15.53 38.95 16.30
C GLU A 189 -15.07 37.54 15.94
N MET A 190 -15.18 37.15 14.68
CA MET A 190 -14.68 35.83 14.29
C MET A 190 -13.18 35.73 14.55
N ALA A 191 -12.42 36.76 14.20
CA ALA A 191 -10.99 36.76 14.45
C ALA A 191 -10.66 36.86 15.94
N ARG A 192 -11.44 37.65 16.69
CA ARG A 192 -11.19 37.79 18.12
C ARG A 192 -11.40 36.45 18.84
N ALA A 193 -12.42 35.70 18.45
CA ALA A 193 -12.63 34.40 19.04
C ALA A 193 -11.56 33.38 18.64
N ASN A 194 -10.78 33.68 17.61
CA ASN A 194 -9.67 32.84 17.17
C ASN A 194 -8.34 33.31 17.73
N HIS A 195 -8.35 34.11 18.80
CA HIS A 195 -7.13 34.64 19.41
C HIS A 195 -6.35 35.50 18.42
N TYR A 196 -7.05 36.44 17.80
CA TYR A 196 -6.44 37.42 16.92
C TYR A 196 -6.86 38.82 17.36
N GLU A 197 -6.57 39.83 16.53
CA GLU A 197 -7.01 41.20 16.80
C GLU A 197 -8.06 41.70 15.83
N ASP A 198 -8.04 41.26 14.58
CA ASP A 198 -9.02 41.65 13.57
C ASP A 198 -8.82 40.75 12.35
N TYR A 199 -9.60 41.03 11.30
CA TYR A 199 -9.47 40.24 10.07
C TYR A 199 -8.18 40.57 9.33
N GLY A 200 -7.67 41.80 9.47
CA GLY A 200 -6.42 42.15 8.85
C GLY A 200 -5.27 41.27 9.33
N ASP A 201 -5.22 40.98 10.62
CA ASP A 201 -4.22 40.05 11.13
C ASP A 201 -4.47 38.64 10.61
N TYR A 202 -5.72 38.27 10.39
CA TYR A 202 -6.00 36.95 9.81
C TYR A 202 -5.39 36.84 8.41
N TRP A 203 -5.51 37.89 7.61
CA TRP A 203 -4.86 37.88 6.30
C TRP A 203 -3.34 37.94 6.42
N ARG A 204 -2.83 38.74 7.35
CA ARG A 204 -1.39 38.89 7.52
C ARG A 204 -0.73 37.62 8.03
N GLY A 205 -1.50 36.72 8.67
CA GLY A 205 -0.91 35.51 9.22
C GLY A 205 -0.30 34.58 8.20
N ASP A 206 -0.60 34.77 6.92
CA ASP A 206 0.01 33.94 5.88
C ASP A 206 1.52 34.12 5.84
N TYR A 207 2.00 35.31 6.17
CA TYR A 207 3.43 35.60 6.14
C TYR A 207 4.11 35.40 7.48
N GLU A 208 3.40 34.95 8.50
CA GLU A 208 4.02 34.72 9.80
C GLU A 208 4.83 33.43 9.78
N VAL A 209 6.02 33.48 10.38
CA VAL A 209 6.90 32.32 10.48
C VAL A 209 7.35 32.23 11.94
N ASN A 210 6.76 31.29 12.68
CA ASN A 210 7.12 31.02 14.05
C ASN A 210 7.75 29.64 14.15
N GLY A 211 8.73 29.50 15.04
CA GLY A 211 9.48 28.27 15.11
C GLY A 211 10.97 28.45 14.94
N VAL A 212 11.49 28.04 13.79
CA VAL A 212 12.94 28.07 13.53
C VAL A 212 13.50 29.46 13.81
N ASP A 213 14.65 29.49 14.47
CA ASP A 213 15.29 30.73 14.88
C ASP A 213 16.14 31.31 13.76
N GLY A 214 16.21 32.63 13.72
CA GLY A 214 16.95 33.34 12.70
C GLY A 214 16.19 33.61 11.43
N TYR A 215 15.07 32.93 11.20
CA TYR A 215 14.24 33.13 10.02
C TYR A 215 12.87 33.66 10.40
N ASP A 216 12.72 34.16 11.63
CA ASP A 216 11.42 34.56 12.15
C ASP A 216 10.85 35.73 11.36
N TYR A 217 9.55 35.67 11.10
CA TYR A 217 8.81 36.75 10.47
C TYR A 217 7.51 36.94 11.23
N SER A 218 7.24 38.17 11.64
CA SER A 218 6.05 38.50 12.41
C SER A 218 5.00 39.14 11.52
N ARG A 219 3.75 39.07 11.97
CA ARG A 219 2.65 39.69 11.21
C ARG A 219 2.83 41.19 11.10
N GLY A 220 3.25 41.84 12.20
CA GLY A 220 3.47 43.27 12.18
C GLY A 220 4.62 43.71 11.30
N GLN A 221 5.62 42.86 11.10
CA GLN A 221 6.76 43.20 10.28
C GLN A 221 6.36 43.44 8.82
N LEU A 222 5.21 42.90 8.40
CA LEU A 222 4.79 43.06 7.00
C LEU A 222 4.55 44.53 6.67
N ILE A 223 3.94 45.28 7.60
CA ILE A 223 3.64 46.68 7.35
C ILE A 223 4.93 47.46 7.12
N GLU A 224 5.89 47.30 8.04
CA GLU A 224 7.16 48.03 7.92
C GLU A 224 7.91 47.62 6.66
N ASP A 225 7.92 46.33 6.36
CA ASP A 225 8.60 45.88 5.14
C ASP A 225 7.98 46.51 3.90
N VAL A 226 6.64 46.51 3.81
CA VAL A 226 5.98 47.05 2.63
C VAL A 226 6.25 48.55 2.49
N GLU A 227 6.16 49.31 3.60
CA GLU A 227 6.44 50.74 3.49
C GLU A 227 7.90 50.99 3.10
N HIS A 228 8.84 50.24 3.67
CA HIS A 228 10.24 50.45 3.34
C HIS A 228 10.52 50.15 1.87
N THR A 229 9.93 49.08 1.33
CA THR A 229 10.11 48.81 -0.10
C THR A 229 9.44 49.86 -0.96
N PHE A 230 8.26 50.36 -0.55
CA PHE A 230 7.57 51.36 -1.35
C PHE A 230 8.31 52.69 -1.36
N GLU A 231 9.00 53.02 -0.26
CA GLU A 231 9.72 54.29 -0.21
C GLU A 231 10.81 54.40 -1.27
N GLU A 232 11.31 53.28 -1.77
CA GLU A 232 12.35 53.28 -2.79
C GLU A 232 11.79 53.28 -4.21
N ILE A 233 10.47 53.17 -4.36
CA ILE A 233 9.84 53.20 -5.68
C ILE A 233 9.40 54.61 -6.08
N LYS A 234 9.22 55.50 -5.11
CA LYS A 234 8.63 56.81 -5.38
C LYS A 234 9.30 57.61 -6.49
N PRO A 235 10.63 57.70 -6.60
CA PRO A 235 11.20 58.55 -7.68
C PRO A 235 10.85 58.07 -9.08
N LEU A 236 11.01 56.78 -9.35
CA LEU A 236 10.70 56.25 -10.69
C LEU A 236 9.22 56.41 -11.01
N TYR A 237 8.35 56.12 -10.04
CA TYR A 237 6.92 56.31 -10.25
C TYR A 237 6.58 57.76 -10.50
N GLU A 238 7.21 58.69 -9.77
CA GLU A 238 6.94 60.11 -9.98
C GLU A 238 7.39 60.56 -11.36
N HIS A 239 8.53 60.06 -11.84
CA HIS A 239 8.98 60.46 -13.17
C HIS A 239 8.10 59.88 -14.27
N LEU A 240 7.66 58.62 -14.11
CA LEU A 240 6.70 58.06 -15.05
C LEU A 240 5.38 58.83 -15.00
N HIS A 241 4.97 59.25 -13.80
CA HIS A 241 3.79 60.07 -13.63
C HIS A 241 3.91 61.38 -14.39
N ALA A 242 5.08 62.03 -14.28
CA ALA A 242 5.31 63.28 -14.99
C ALA A 242 5.29 63.09 -16.50
N TYR A 243 5.92 62.01 -16.99
CA TYR A 243 5.93 61.75 -18.43
C TYR A 243 4.53 61.50 -18.96
N VAL A 244 3.74 60.68 -18.24
CA VAL A 244 2.38 60.39 -18.67
C VAL A 244 1.52 61.63 -18.61
N ARG A 245 1.72 62.46 -17.58
CA ARG A 245 0.98 63.71 -17.47
C ARG A 245 1.30 64.65 -18.61
N ALA A 246 2.58 64.73 -18.98
CA ALA A 246 2.98 65.59 -20.10
C ALA A 246 2.39 65.10 -21.40
N LYS A 247 2.41 63.79 -21.64
CA LYS A 247 1.85 63.27 -22.88
C LYS A 247 0.34 63.31 -22.91
N LEU A 248 -0.32 63.34 -21.75
CA LEU A 248 -1.77 63.38 -21.70
C LEU A 248 -2.34 64.77 -21.93
N MET A 249 -1.53 65.81 -21.79
CA MET A 249 -2.01 67.16 -22.11
C MET A 249 -2.15 67.38 -23.61
N ASN A 250 -1.47 66.57 -24.42
CA ASN A 250 -1.62 66.66 -25.86
C ASN A 250 -2.89 65.98 -26.37
N ALA A 251 -3.53 65.16 -25.53
CA ALA A 251 -4.80 64.53 -25.88
C ALA A 251 -5.98 65.17 -25.18
N TYR A 252 -5.78 65.77 -24.01
CA TYR A 252 -6.81 66.48 -23.28
C TYR A 252 -6.24 67.85 -22.94
N PRO A 253 -6.23 68.79 -23.89
CA PRO A 253 -5.48 70.04 -23.70
C PRO A 253 -5.95 70.87 -22.52
N SER A 254 -7.24 70.90 -22.22
CA SER A 254 -7.80 71.79 -21.21
C SER A 254 -8.38 71.03 -20.03
N TYR A 255 -7.71 69.97 -19.59
CA TYR A 255 -8.21 69.18 -18.48
C TYR A 255 -7.16 68.79 -17.44
N ILE A 256 -5.87 68.94 -17.71
CA ILE A 256 -4.83 68.48 -16.80
C ILE A 256 -3.90 69.64 -16.47
N SER A 257 -3.66 69.84 -15.18
CA SER A 257 -2.76 70.90 -14.71
C SER A 257 -1.31 70.43 -14.80
N PRO A 258 -0.41 71.31 -15.25
CA PRO A 258 1.02 70.94 -15.29
C PRO A 258 1.60 70.54 -13.96
N ILE A 259 1.02 70.97 -12.84
CA ILE A 259 1.55 70.69 -11.51
C ILE A 259 0.57 69.90 -10.66
N GLY A 260 -0.60 69.56 -11.17
CA GLY A 260 -1.61 68.85 -10.43
C GLY A 260 -1.46 67.35 -10.52
N CYS A 261 -2.56 66.66 -10.28
CA CYS A 261 -2.60 65.21 -10.31
C CYS A 261 -3.34 64.71 -11.54
N LEU A 262 -3.14 63.43 -11.83
CA LEU A 262 -3.83 62.79 -12.95
C LEU A 262 -5.28 62.48 -12.56
N PRO A 263 -6.25 62.91 -13.35
CA PRO A 263 -7.64 62.50 -13.11
C PRO A 263 -7.77 60.98 -13.10
N ALA A 264 -8.60 60.48 -12.20
CA ALA A 264 -8.70 59.05 -11.98
C ALA A 264 -9.27 58.28 -13.17
N HIS A 265 -9.90 58.97 -14.13
CA HIS A 265 -10.52 58.28 -15.25
C HIS A 265 -9.68 58.33 -16.52
N LEU A 266 -8.61 59.11 -16.55
CA LEU A 266 -7.71 59.15 -17.70
C LEU A 266 -6.50 58.22 -17.47
N LEU A 267 -6.79 56.94 -17.27
CA LEU A 267 -5.72 56.01 -16.91
C LEU A 267 -5.78 54.67 -17.66
N GLY A 268 -6.70 54.50 -18.60
CA GLY A 268 -6.75 53.28 -19.37
C GLY A 268 -7.51 52.16 -18.70
N ASP A 269 -7.33 52.02 -17.39
CA ASP A 269 -8.06 51.05 -16.59
C ASP A 269 -9.03 51.78 -15.67
N MET A 270 -10.17 51.14 -15.42
CA MET A 270 -11.27 51.87 -14.82
C MET A 270 -11.10 51.95 -13.30
N TRP A 271 -10.29 51.06 -12.72
CA TRP A 271 -9.82 51.23 -11.34
C TRP A 271 -8.43 51.87 -11.27
N GLY A 272 -7.79 52.11 -12.42
CA GLY A 272 -6.42 52.60 -12.38
C GLY A 272 -5.41 51.57 -11.96
N ARG A 273 -5.74 50.29 -12.10
CA ARG A 273 -4.82 49.23 -11.70
C ARG A 273 -3.64 49.12 -12.65
N PHE A 274 -3.91 49.15 -13.96
CA PHE A 274 -2.88 49.02 -14.98
C PHE A 274 -2.91 50.21 -15.92
N TRP A 275 -1.74 50.59 -16.43
CA TRP A 275 -1.60 51.70 -17.38
C TRP A 275 -1.20 51.22 -18.77
N THR A 276 -1.51 49.97 -19.11
CA THR A 276 -1.10 49.42 -20.39
C THR A 276 -1.81 50.11 -21.55
N ASN A 277 -3.12 50.36 -21.41
CA ASN A 277 -3.94 50.84 -22.51
C ASN A 277 -3.55 52.24 -22.97
N LEU A 278 -2.61 52.87 -22.27
CA LEU A 278 -2.11 54.18 -22.65
C LEU A 278 -0.93 54.10 -23.62
N TYR A 279 -0.53 52.90 -24.03
CA TYR A 279 0.66 52.75 -24.87
C TYR A 279 0.57 53.61 -26.11
N SER A 280 -0.55 53.53 -26.84
CA SER A 280 -0.68 54.30 -28.08
C SER A 280 -0.54 55.80 -27.84
N LEU A 281 -0.92 56.27 -26.65
CA LEU A 281 -0.80 57.69 -26.35
C LEU A 281 0.59 58.08 -25.87
N THR A 282 1.46 57.12 -25.56
CA THR A 282 2.74 57.42 -24.94
C THR A 282 3.90 56.72 -25.64
N VAL A 283 3.74 56.30 -26.89
CA VAL A 283 4.85 55.64 -27.58
C VAL A 283 6.02 56.61 -27.72
N PRO A 284 7.21 56.24 -27.27
CA PRO A 284 8.38 57.13 -27.46
C PRO A 284 8.70 57.37 -28.93
N PHE A 285 8.75 56.31 -29.72
CA PHE A 285 9.08 56.39 -31.14
C PHE A 285 8.07 55.56 -31.92
N GLY A 286 7.07 56.22 -32.50
CA GLY A 286 5.98 55.51 -33.16
C GLY A 286 6.28 55.01 -34.56
N GLN A 287 7.36 55.51 -35.17
CA GLN A 287 7.69 55.09 -36.53
C GLN A 287 8.21 53.66 -36.57
N LYS A 288 8.96 53.25 -35.54
CA LYS A 288 9.58 51.94 -35.53
C LYS A 288 8.65 50.92 -34.89
N PRO A 289 8.26 49.85 -35.59
CA PRO A 289 7.26 48.93 -35.05
C PRO A 289 7.81 48.01 -33.96
N ASN A 290 6.95 47.15 -33.43
CA ASN A 290 7.32 46.21 -32.39
C ASN A 290 7.63 44.85 -33.02
N ILE A 291 8.11 43.90 -32.22
CA ILE A 291 8.48 42.58 -32.69
C ILE A 291 7.22 41.71 -32.69
N ASP A 292 6.87 41.18 -33.85
CA ASP A 292 5.74 40.27 -34.00
C ASP A 292 6.16 39.14 -34.94
N VAL A 293 5.99 37.90 -34.48
CA VAL A 293 6.38 36.73 -35.25
C VAL A 293 5.18 35.91 -35.68
N THR A 294 3.97 36.44 -35.57
CA THR A 294 2.78 35.71 -35.99
C THR A 294 2.81 35.40 -37.47
N ASP A 295 3.18 36.39 -38.29
CA ASP A 295 3.23 36.17 -39.74
C ASP A 295 4.29 35.15 -40.11
N ALA A 296 5.47 35.24 -39.50
CA ALA A 296 6.52 34.27 -39.78
C ALA A 296 6.10 32.87 -39.36
N MET A 297 5.38 32.76 -38.25
CA MET A 297 4.94 31.45 -37.78
C MET A 297 3.89 30.84 -38.72
N VAL A 298 2.90 31.64 -39.13
CA VAL A 298 1.88 31.10 -40.02
C VAL A 298 2.47 30.78 -41.38
N ASP A 299 3.51 31.52 -41.80
CA ASP A 299 4.19 31.19 -43.04
C ASP A 299 4.90 29.84 -42.94
N GLN A 300 5.52 29.58 -41.78
CA GLN A 300 6.35 28.38 -41.59
C GLN A 300 5.55 27.15 -41.21
N ALA A 301 4.22 27.20 -41.26
CA ALA A 301 3.35 26.06 -40.97
C ALA A 301 3.57 25.53 -39.56
N TRP A 302 3.28 26.38 -38.58
CA TRP A 302 3.36 26.04 -37.17
C TRP A 302 1.97 25.76 -36.63
N ASP A 303 1.86 24.73 -35.79
CA ASP A 303 0.60 24.41 -35.13
C ASP A 303 0.81 24.32 -33.62
N ALA A 304 -0.23 23.91 -32.91
CA ALA A 304 -0.17 23.84 -31.46
C ALA A 304 0.91 22.87 -30.99
N GLN A 305 0.98 21.70 -31.62
CA GLN A 305 1.98 20.70 -31.25
C GLN A 305 3.39 21.25 -31.44
N ARG A 306 3.62 22.00 -32.53
CA ARG A 306 4.96 22.46 -32.84
C ARG A 306 5.42 23.48 -31.80
N ILE A 307 4.52 24.39 -31.41
CA ILE A 307 4.80 25.39 -30.38
C ILE A 307 5.07 24.71 -29.04
N PHE A 308 4.24 23.74 -28.68
CA PHE A 308 4.43 23.08 -27.39
C PHE A 308 5.71 22.25 -27.37
N LYS A 309 6.11 21.69 -28.52
CA LYS A 309 7.38 20.99 -28.57
C LYS A 309 8.57 21.95 -28.45
N GLU A 310 8.46 23.15 -29.02
CA GLU A 310 9.48 24.17 -28.75
C GLU A 310 9.54 24.53 -27.26
N ALA A 311 8.38 24.66 -26.62
CA ALA A 311 8.37 24.95 -25.18
C ALA A 311 9.06 23.83 -24.40
N GLU A 312 8.74 22.58 -24.74
CA GLU A 312 9.37 21.45 -24.07
C GLU A 312 10.87 21.43 -24.31
N LYS A 313 11.30 21.73 -25.54
CA LYS A 313 12.73 21.74 -25.84
C LYS A 313 13.46 22.83 -25.07
N PHE A 314 12.86 24.03 -24.99
CA PHE A 314 13.47 25.11 -24.22
C PHE A 314 13.60 24.72 -22.76
N PHE A 315 12.56 24.09 -22.20
CA PHE A 315 12.63 23.68 -20.80
C PHE A 315 13.58 22.51 -20.59
N VAL A 316 13.83 21.71 -21.63
CA VAL A 316 14.84 20.66 -21.52
C VAL A 316 16.25 21.27 -21.55
N SER A 317 16.43 22.35 -22.31
CA SER A 317 17.76 22.92 -22.50
C SER A 317 18.40 23.36 -21.19
N VAL A 318 17.58 23.76 -20.21
CA VAL A 318 18.11 24.17 -18.91
C VAL A 318 18.30 23.01 -17.95
N GLY A 319 18.01 21.78 -18.38
CA GLY A 319 18.19 20.62 -17.55
C GLY A 319 16.92 20.08 -16.92
N LEU A 320 15.81 20.79 -17.02
CA LEU A 320 14.57 20.31 -16.44
C LEU A 320 14.07 19.09 -17.21
N PRO A 321 13.38 18.18 -16.53
CA PRO A 321 12.96 16.92 -17.19
C PRO A 321 11.88 17.15 -18.23
N ASN A 322 11.64 16.10 -19.01
CA ASN A 322 10.60 16.11 -20.04
C ASN A 322 9.22 16.14 -19.37
N MET A 323 8.20 16.19 -20.22
CA MET A 323 6.83 15.95 -19.78
C MET A 323 6.43 14.51 -20.10
N THR A 324 5.64 13.93 -19.20
CA THR A 324 5.35 12.51 -19.24
C THR A 324 4.54 12.14 -20.48
N GLN A 325 4.48 10.84 -20.76
CA GLN A 325 3.69 10.36 -21.89
C GLN A 325 2.22 10.67 -21.72
N GLY A 326 1.73 10.69 -20.48
CA GLY A 326 0.34 11.04 -20.24
C GLY A 326 0.04 12.52 -20.40
N PHE A 327 1.07 13.36 -20.33
CA PHE A 327 0.87 14.79 -20.57
C PHE A 327 0.47 15.06 -22.01
N TRP A 328 1.07 14.35 -22.96
CA TRP A 328 0.85 14.60 -24.37
C TRP A 328 -0.43 13.95 -24.90
N GLU A 329 -1.16 13.22 -24.06
CA GLU A 329 -2.39 12.56 -24.46
C GLU A 329 -3.62 13.09 -23.74
N ASN A 330 -3.54 13.35 -22.43
CA ASN A 330 -4.67 13.81 -21.66
C ASN A 330 -4.86 15.33 -21.72
N SER A 331 -3.81 16.08 -22.00
CA SER A 331 -3.92 17.54 -22.01
C SER A 331 -4.66 18.01 -23.25
N MET A 332 -5.45 19.07 -23.09
CA MET A 332 -6.12 19.71 -24.21
C MET A 332 -5.32 20.94 -24.60
N LEU A 333 -4.83 20.95 -25.84
CA LEU A 333 -4.03 22.06 -26.34
C LEU A 333 -4.71 22.78 -27.50
N THR A 334 -6.00 22.53 -27.73
CA THR A 334 -6.72 23.19 -28.81
C THR A 334 -8.21 23.07 -28.51
N ASP A 335 -8.96 24.12 -28.83
CA ASP A 335 -10.40 24.07 -28.69
C ASP A 335 -10.96 23.04 -29.67
N PRO A 336 -11.70 22.03 -29.21
CA PRO A 336 -12.27 21.05 -30.14
C PRO A 336 -13.22 21.66 -31.16
N GLY A 337 -13.93 22.72 -30.80
CA GLY A 337 -14.84 23.39 -31.70
C GLY A 337 -16.26 23.41 -31.15
N ASN A 338 -17.22 23.47 -32.08
CA ASN A 338 -18.63 23.48 -31.70
C ASN A 338 -19.07 22.16 -31.07
N VAL A 339 -18.33 21.09 -31.30
CA VAL A 339 -18.70 19.78 -30.74
C VAL A 339 -18.65 19.82 -29.22
N GLN A 340 -17.59 20.40 -28.67
CA GLN A 340 -17.40 20.50 -27.23
C GLN A 340 -17.63 21.93 -26.77
N LYS A 341 -17.51 22.14 -25.46
CA LYS A 341 -17.64 23.47 -24.87
C LYS A 341 -16.74 23.50 -23.63
N ALA A 342 -15.52 24.00 -23.81
CA ALA A 342 -14.54 24.08 -22.74
C ALA A 342 -14.17 25.54 -22.48
N VAL A 343 -13.74 25.80 -21.26
CA VAL A 343 -13.33 27.14 -20.85
C VAL A 343 -11.92 27.39 -21.37
N CYS A 344 -11.74 28.46 -22.15
CA CYS A 344 -10.45 28.77 -22.74
C CYS A 344 -9.72 29.81 -21.91
N HIS A 345 -9.43 29.42 -20.67
CA HIS A 345 -8.60 30.21 -19.76
C HIS A 345 -7.37 29.37 -19.43
N PRO A 346 -6.16 29.84 -19.74
CA PRO A 346 -4.97 29.02 -19.50
C PRO A 346 -4.87 28.60 -18.05
N THR A 347 -4.67 27.29 -17.84
CA THR A 347 -4.62 26.74 -16.50
C THR A 347 -3.67 25.56 -16.47
N ALA A 348 -3.01 25.38 -15.32
CA ALA A 348 -2.12 24.26 -15.08
C ALA A 348 -2.73 23.40 -13.99
N TRP A 349 -2.89 22.11 -14.26
CA TRP A 349 -3.57 21.19 -13.35
C TRP A 349 -2.59 20.14 -12.84
N ASP A 350 -2.47 20.06 -11.52
CA ASP A 350 -1.76 18.99 -10.83
C ASP A 350 -2.81 18.14 -10.14
N LEU A 351 -3.29 17.10 -10.82
CA LEU A 351 -4.40 16.32 -10.33
C LEU A 351 -4.02 15.39 -9.19
N GLY A 352 -2.73 15.25 -8.89
CA GLY A 352 -2.28 14.31 -7.90
C GLY A 352 -2.03 12.94 -8.49
N LYS A 353 -1.22 12.17 -7.76
CA LYS A 353 -0.83 10.82 -8.18
C LYS A 353 -0.17 10.83 -9.55
N GLY A 354 0.70 11.81 -9.77
CA GLY A 354 1.49 11.85 -10.99
C GLY A 354 0.77 12.28 -12.24
N ASP A 355 -0.34 12.99 -12.11
CA ASP A 355 -1.11 13.45 -13.27
C ASP A 355 -0.97 14.96 -13.40
N PHE A 356 -0.44 15.41 -14.54
CA PHE A 356 -0.22 16.82 -14.82
C PHE A 356 -0.80 17.14 -16.19
N ARG A 357 -1.50 18.27 -16.29
CA ARG A 357 -2.14 18.67 -17.54
C ARG A 357 -2.09 20.18 -17.70
N ILE A 358 -2.20 20.61 -18.96
CA ILE A 358 -2.34 22.03 -19.30
C ILE A 358 -3.65 22.19 -20.06
N LEU A 359 -4.47 23.13 -19.61
CA LEU A 359 -5.72 23.48 -20.27
C LEU A 359 -5.51 24.83 -20.95
N MET A 360 -5.42 24.82 -22.28
CA MET A 360 -5.13 26.06 -23.01
C MET A 360 -5.55 25.89 -24.46
N CYS A 361 -6.36 26.82 -24.96
CA CYS A 361 -6.81 26.81 -26.36
C CYS A 361 -5.84 27.65 -27.18
N THR A 362 -4.63 27.13 -27.35
CA THR A 362 -3.56 27.91 -27.93
C THR A 362 -3.80 28.16 -29.42
N LYS A 363 -3.12 29.18 -29.95
CA LYS A 363 -3.22 29.57 -31.33
C LYS A 363 -1.83 29.94 -31.84
N VAL A 364 -1.73 30.15 -33.15
CA VAL A 364 -0.45 30.48 -33.76
C VAL A 364 -0.21 31.97 -33.60
N THR A 365 0.40 32.35 -32.48
CA THR A 365 0.56 33.75 -32.11
C THR A 365 1.65 33.85 -31.04
N MET A 366 2.31 35.01 -30.99
CA MET A 366 3.34 35.24 -29.98
C MET A 366 2.75 35.18 -28.57
N ASP A 367 1.56 35.75 -28.37
CA ASP A 367 0.96 35.80 -27.05
C ASP A 367 0.73 34.39 -26.51
N ASP A 368 0.17 33.51 -27.34
CA ASP A 368 -0.01 32.13 -26.92
C ASP A 368 1.34 31.42 -26.82
N PHE A 369 2.30 31.80 -27.64
CA PHE A 369 3.66 31.27 -27.53
C PHE A 369 4.24 31.52 -26.15
N LEU A 370 3.95 32.68 -25.57
CA LEU A 370 4.45 33.00 -24.23
C LEU A 370 3.59 32.40 -23.13
N THR A 371 2.27 32.36 -23.33
CA THR A 371 1.39 31.74 -22.34
C THR A 371 1.67 30.25 -22.20
N ALA A 372 2.07 29.60 -23.29
CA ALA A 372 2.46 28.20 -23.21
C ALA A 372 3.64 28.04 -22.28
N HIS A 373 4.64 28.92 -22.37
CA HIS A 373 5.78 28.86 -21.47
C HIS A 373 5.36 29.13 -20.02
N HIS A 374 4.44 30.07 -19.82
CA HIS A 374 3.93 30.34 -18.48
C HIS A 374 3.33 29.09 -17.84
N GLU A 375 2.39 28.44 -18.56
CA GLU A 375 1.75 27.26 -18.00
C GLU A 375 2.71 26.07 -17.91
N MET A 376 3.66 25.99 -18.83
CA MET A 376 4.69 24.97 -18.80
C MET A 376 5.54 25.09 -17.54
N GLY A 377 5.90 26.32 -17.17
CA GLY A 377 6.62 26.54 -15.93
C GLY A 377 5.77 26.23 -14.70
N HIS A 378 4.48 26.56 -14.76
CA HIS A 378 3.60 26.15 -13.67
C HIS A 378 3.61 24.63 -13.49
N ILE A 379 3.52 23.89 -14.59
CA ILE A 379 3.56 22.43 -14.51
C ILE A 379 4.90 21.95 -13.96
N GLN A 380 5.99 22.58 -14.36
CA GLN A 380 7.30 22.17 -13.84
C GLN A 380 7.36 22.37 -12.33
N TYR A 381 6.90 23.52 -11.85
CA TYR A 381 6.93 23.79 -10.41
C TYR A 381 6.04 22.81 -9.65
N ASP A 382 4.87 22.47 -10.21
CA ASP A 382 4.02 21.46 -9.59
C ASP A 382 4.70 20.10 -9.57
N MET A 383 5.38 19.76 -10.67
CA MET A 383 6.06 18.47 -10.77
C MET A 383 7.19 18.33 -9.77
N ALA A 384 7.83 19.45 -9.42
CA ALA A 384 9.02 19.39 -8.58
C ALA A 384 8.72 18.83 -7.19
N TYR A 385 7.63 19.29 -6.56
CA TYR A 385 7.35 18.95 -5.17
C TYR A 385 6.30 17.86 -5.03
N ALA A 386 6.23 16.91 -5.96
CA ALA A 386 5.25 15.84 -5.88
C ALA A 386 5.53 14.88 -4.73
N ALA A 387 6.75 14.87 -4.19
CA ALA A 387 7.14 13.92 -3.15
C ALA A 387 6.80 14.39 -1.74
N GLN A 388 6.38 15.65 -1.57
CA GLN A 388 6.05 16.17 -0.26
C GLN A 388 4.66 15.69 0.18
N PRO A 389 4.37 15.74 1.47
CA PRO A 389 3.03 15.37 1.95
C PRO A 389 1.95 16.27 1.35
N PHE A 390 0.71 15.83 1.50
CA PHE A 390 -0.41 16.48 0.83
C PHE A 390 -0.59 17.92 1.28
N LEU A 391 -0.49 18.17 2.59
CA LEU A 391 -0.75 19.50 3.13
C LEU A 391 0.36 20.49 2.86
N LEU A 392 1.50 20.04 2.34
CA LEU A 392 2.63 20.92 2.06
C LEU A 392 2.92 21.04 0.56
N ARG A 393 1.97 20.70 -0.29
CA ARG A 393 2.17 20.71 -1.74
C ARG A 393 1.61 22.00 -2.33
N ASN A 394 2.19 23.12 -1.89
CA ASN A 394 1.89 24.44 -2.46
C ASN A 394 3.17 25.26 -2.45
N GLY A 395 3.07 26.48 -2.94
CA GLY A 395 4.17 27.41 -2.82
C GLY A 395 4.39 27.83 -1.38
N ALA A 396 5.62 28.27 -1.09
CA ALA A 396 5.98 28.57 0.29
C ALA A 396 5.12 29.71 0.85
N ASN A 397 4.84 30.71 0.03
CA ASN A 397 3.85 31.72 0.37
C ASN A 397 2.96 31.93 -0.84
N GLU A 398 2.12 32.96 -0.80
CA GLU A 398 1.12 33.16 -1.85
C GLU A 398 1.69 33.85 -3.09
N GLY A 399 2.96 34.24 -3.08
CA GLY A 399 3.50 34.99 -4.20
C GLY A 399 4.74 34.42 -4.86
N PHE A 400 4.94 33.11 -4.80
CA PHE A 400 6.05 32.48 -5.50
C PHE A 400 5.67 31.82 -6.82
N HIS A 401 4.47 31.26 -6.93
CA HIS A 401 4.19 30.36 -8.04
C HIS A 401 4.05 31.14 -9.35
N GLU A 402 3.35 32.27 -9.31
CA GLU A 402 3.22 33.14 -10.47
C GLU A 402 4.53 33.82 -10.86
N ALA A 403 5.40 34.15 -9.90
CA ALA A 403 6.69 34.70 -10.24
C ALA A 403 7.51 33.70 -11.05
N VAL A 404 7.51 32.43 -10.62
CA VAL A 404 8.19 31.39 -11.36
C VAL A 404 7.55 31.22 -12.73
N GLY A 405 6.23 31.34 -12.82
CA GLY A 405 5.59 31.26 -14.12
C GLY A 405 6.03 32.36 -15.07
N GLU A 406 6.15 33.59 -14.56
CA GLU A 406 6.39 34.74 -15.44
C GLU A 406 7.87 34.93 -15.79
N ILE A 407 8.79 34.49 -14.93
CA ILE A 407 10.20 34.59 -15.31
C ILE A 407 10.50 33.75 -16.55
N MET A 408 9.71 32.69 -16.79
CA MET A 408 9.91 31.86 -17.96
C MET A 408 9.49 32.59 -19.23
N SER A 409 8.34 33.27 -19.19
CA SER A 409 7.90 34.06 -20.33
C SER A 409 8.77 35.30 -20.53
N LEU A 410 9.49 35.73 -19.50
CA LEU A 410 10.43 36.84 -19.68
C LEU A 410 11.51 36.50 -20.70
N SER A 411 12.06 35.28 -20.63
CA SER A 411 13.19 34.90 -21.46
C SER A 411 12.79 34.47 -22.87
N ALA A 412 11.51 34.23 -23.12
CA ALA A 412 11.08 33.71 -24.42
C ALA A 412 10.82 34.80 -25.44
N ALA A 413 10.64 36.05 -25.02
CA ALA A 413 10.37 37.15 -25.94
C ALA A 413 11.62 37.91 -26.35
N THR A 414 12.79 37.47 -25.89
CA THR A 414 14.03 38.13 -26.26
C THR A 414 14.33 37.89 -27.74
N PRO A 415 14.78 38.93 -28.47
CA PRO A 415 15.06 38.74 -29.91
C PRO A 415 16.09 37.67 -30.22
N LYS A 416 17.08 37.47 -29.35
CA LYS A 416 18.06 36.41 -29.60
C LYS A 416 17.41 35.04 -29.54
N HIS A 417 16.43 34.86 -28.65
CA HIS A 417 15.70 33.59 -28.59
C HIS A 417 14.93 33.34 -29.87
N LEU A 418 14.31 34.38 -30.44
CA LEU A 418 13.59 34.21 -31.69
C LEU A 418 14.52 34.02 -32.87
N LYS A 419 15.74 34.58 -32.79
CA LYS A 419 16.74 34.28 -33.81
C LYS A 419 17.17 32.82 -33.74
N SER A 420 17.34 32.28 -32.53
CA SER A 420 17.84 30.93 -32.34
C SER A 420 16.85 29.86 -32.74
N ILE A 421 15.59 30.22 -33.03
CA ILE A 421 14.56 29.24 -33.31
C ILE A 421 14.20 29.18 -34.80
N GLY A 422 14.39 30.27 -35.54
CA GLY A 422 14.07 30.31 -36.96
C GLY A 422 12.86 31.13 -37.33
N LEU A 423 12.22 31.78 -36.36
CA LEU A 423 11.04 32.60 -36.61
C LEU A 423 11.37 34.06 -36.89
N LEU A 424 12.66 34.41 -36.89
CA LEU A 424 13.11 35.77 -37.13
C LEU A 424 14.16 35.76 -38.23
N SER A 425 14.23 36.86 -38.96
CA SER A 425 15.24 36.98 -40.00
C SER A 425 16.63 36.96 -39.38
N PRO A 426 17.54 36.11 -39.87
CA PRO A 426 18.87 36.01 -39.25
C PRO A 426 19.67 37.30 -39.30
N ASP A 427 19.36 38.20 -40.23
CA ASP A 427 20.07 39.47 -40.36
C ASP A 427 19.32 40.62 -39.69
N PHE A 428 18.61 40.34 -38.60
CA PHE A 428 17.83 41.34 -37.90
C PHE A 428 18.71 42.03 -36.86
N GLN A 429 19.00 43.30 -37.08
CA GLN A 429 19.78 44.09 -36.13
C GLN A 429 18.83 44.86 -35.22
N GLU A 430 19.15 44.87 -33.92
CA GLU A 430 18.32 45.50 -32.91
C GLU A 430 18.88 46.88 -32.59
N ASP A 431 18.04 47.90 -32.69
CA ASP A 431 18.44 49.28 -32.45
C ASP A 431 18.19 49.67 -31.00
N ASN A 432 18.31 50.97 -30.72
CA ASN A 432 18.17 51.51 -29.38
C ASN A 432 16.87 52.27 -29.17
N GLU A 433 15.91 52.16 -30.09
CA GLU A 433 14.60 52.77 -29.92
C GLU A 433 13.52 51.74 -29.59
N THR A 434 13.52 50.60 -30.30
CA THR A 434 12.60 49.52 -29.97
C THR A 434 12.82 49.02 -28.55
N GLU A 435 14.05 49.11 -28.05
CA GLU A 435 14.32 48.77 -26.66
C GLU A 435 13.54 49.67 -25.72
N ILE A 436 13.54 50.97 -25.99
CA ILE A 436 12.78 51.91 -25.17
C ILE A 436 11.29 51.64 -25.28
N ASN A 437 10.82 51.34 -26.49
CA ASN A 437 9.40 51.00 -26.67
C ASN A 437 9.01 49.81 -25.79
N PHE A 438 9.81 48.74 -25.84
CA PHE A 438 9.51 47.56 -25.06
C PHE A 438 9.57 47.84 -23.56
N LEU A 439 10.58 48.59 -23.12
CA LEU A 439 10.71 48.89 -21.70
C LEU A 439 9.54 49.72 -21.19
N LEU A 440 9.10 50.69 -21.99
CA LEU A 440 7.95 51.48 -21.57
C LEU A 440 6.68 50.65 -21.55
N LYS A 441 6.51 49.76 -22.52
CA LYS A 441 5.37 48.86 -22.51
C LYS A 441 5.35 48.01 -21.25
N GLN A 442 6.53 47.57 -20.80
CA GLN A 442 6.60 46.78 -19.57
C GLN A 442 6.31 47.63 -18.34
N ALA A 443 6.89 48.84 -18.28
CA ALA A 443 6.74 49.67 -17.09
C ALA A 443 5.33 50.18 -16.92
N LEU A 444 4.61 50.44 -18.00
CA LEU A 444 3.23 50.88 -17.89
C LEU A 444 2.35 49.83 -17.24
N THR A 445 2.75 48.56 -17.28
CA THR A 445 1.98 47.48 -16.67
C THR A 445 2.51 47.07 -15.30
N ILE A 446 3.82 47.16 -15.09
CA ILE A 446 4.44 46.66 -13.87
C ILE A 446 4.63 47.75 -12.83
N VAL A 447 5.19 48.90 -13.23
CA VAL A 447 5.49 49.95 -12.26
C VAL A 447 4.24 50.72 -11.86
N GLY A 448 3.22 50.75 -12.71
CA GLY A 448 2.03 51.53 -12.45
C GLY A 448 0.96 50.85 -11.62
N THR A 449 1.22 49.65 -11.09
CA THR A 449 0.23 48.91 -10.33
C THR A 449 0.58 48.75 -8.86
N LEU A 450 1.77 49.15 -8.43
CA LEU A 450 2.22 48.91 -7.07
C LEU A 450 1.64 49.90 -6.05
N PRO A 451 1.69 51.21 -6.29
CA PRO A 451 1.07 52.13 -5.33
C PRO A 451 -0.41 51.88 -5.12
N PHE A 452 -1.12 51.47 -6.16
CA PHE A 452 -2.54 51.13 -6.02
C PHE A 452 -2.73 50.01 -5.00
N THR A 453 -1.95 48.94 -5.13
CA THR A 453 -2.04 47.82 -4.20
C THR A 453 -1.68 48.25 -2.79
N TYR A 454 -0.60 49.02 -2.63
CA TYR A 454 -0.18 49.46 -1.31
C TYR A 454 -1.28 50.28 -0.64
N MET A 455 -1.86 51.23 -1.37
CA MET A 455 -2.97 52.00 -0.82
C MET A 455 -4.15 51.13 -0.43
N LEU A 456 -4.56 50.21 -1.30
CA LEU A 456 -5.75 49.42 -1.00
C LEU A 456 -5.55 48.59 0.26
N GLU A 457 -4.40 47.91 0.36
CA GLU A 457 -4.17 47.08 1.54
C GLU A 457 -3.99 47.93 2.80
N LYS A 458 -3.33 49.08 2.69
CA LYS A 458 -3.20 49.94 3.86
C LYS A 458 -4.55 50.44 4.35
N TRP A 459 -5.42 50.84 3.42
CA TRP A 459 -6.75 51.31 3.82
C TRP A 459 -7.55 50.20 4.46
N ARG A 460 -7.51 48.99 3.90
CA ARG A 460 -8.23 47.88 4.52
C ARG A 460 -7.69 47.55 5.90
N TRP A 461 -6.37 47.58 6.06
CA TRP A 461 -5.78 47.32 7.38
C TRP A 461 -6.25 48.35 8.39
N MET A 462 -6.24 49.62 8.02
CA MET A 462 -6.67 50.66 8.96
C MET A 462 -8.17 50.56 9.26
N VAL A 463 -8.99 50.21 8.27
CA VAL A 463 -10.42 50.05 8.53
C VAL A 463 -10.67 48.90 9.49
N PHE A 464 -10.03 47.76 9.27
CA PHE A 464 -10.24 46.62 10.14
C PHE A 464 -9.71 46.89 11.54
N LYS A 465 -8.56 47.54 11.65
CA LYS A 465 -7.95 47.77 12.96
C LYS A 465 -8.79 48.72 13.81
N GLY A 466 -9.42 49.70 13.18
CA GLY A 466 -10.15 50.73 13.88
C GLY A 466 -9.50 52.09 13.87
N GLU A 467 -8.44 52.29 13.10
CA GLU A 467 -7.77 53.58 13.03
C GLU A 467 -8.58 54.60 12.25
N ILE A 468 -9.40 54.15 11.31
CA ILE A 468 -10.26 55.04 10.51
C ILE A 468 -11.67 54.91 11.05
N PRO A 469 -12.25 55.96 11.64
CA PRO A 469 -13.62 55.86 12.16
C PRO A 469 -14.63 55.55 11.07
N LYS A 470 -15.80 55.05 11.47
CA LYS A 470 -16.82 54.62 10.52
C LYS A 470 -17.29 55.77 9.65
N ASP A 471 -17.25 57.00 10.15
CA ASP A 471 -17.77 58.15 9.44
C ASP A 471 -16.69 58.94 8.70
N GLN A 472 -15.46 58.44 8.68
CA GLN A 472 -14.36 59.10 8.00
C GLN A 472 -13.64 58.16 7.04
N TRP A 473 -14.40 57.28 6.39
CA TRP A 473 -13.79 56.31 5.46
C TRP A 473 -13.35 56.98 4.17
N MET A 474 -14.33 57.48 3.40
CA MET A 474 -14.04 57.90 2.03
C MET A 474 -13.13 59.12 2.02
N LYS A 475 -13.29 60.01 2.99
CA LYS A 475 -12.33 61.08 3.22
C LYS A 475 -10.91 60.53 3.14
N LYS A 476 -10.59 59.58 4.03
CA LYS A 476 -9.27 58.96 3.98
C LYS A 476 -9.04 58.31 2.64
N TRP A 477 -10.05 57.62 2.10
CA TRP A 477 -9.89 56.93 0.82
C TRP A 477 -9.54 57.89 -0.31
N TRP A 478 -9.81 59.18 -0.17
CA TRP A 478 -9.35 60.13 -1.16
C TRP A 478 -8.29 61.09 -0.62
N GLU A 479 -8.03 61.06 0.68
CA GLU A 479 -6.89 61.78 1.23
C GLU A 479 -5.59 61.06 0.95
N MET A 480 -5.66 59.76 0.68
CA MET A 480 -4.47 58.94 0.44
C MET A 480 -4.16 58.80 -1.05
N LYS A 481 -5.20 58.74 -1.89
CA LYS A 481 -4.98 58.69 -3.34
C LYS A 481 -4.19 59.90 -3.81
N ARG A 482 -4.53 61.09 -3.29
CA ARG A 482 -3.77 62.29 -3.63
C ARG A 482 -2.36 62.27 -3.05
N GLU A 483 -2.12 61.49 -2.00
CA GLU A 483 -0.84 61.49 -1.33
C GLU A 483 0.05 60.31 -1.71
N ILE A 484 -0.53 59.19 -2.12
CA ILE A 484 0.21 57.98 -2.43
C ILE A 484 0.16 57.67 -3.93
N VAL A 485 -1.04 57.59 -4.49
CA VAL A 485 -1.19 57.20 -5.89
C VAL A 485 -1.01 58.38 -6.85
N GLY A 486 -1.38 59.58 -6.44
CA GLY A 486 -1.27 60.74 -7.31
C GLY A 486 -2.45 60.96 -8.22
N VAL A 487 -3.63 60.48 -7.84
CA VAL A 487 -4.84 60.66 -8.63
C VAL A 487 -5.91 61.33 -7.77
N VAL A 488 -6.67 62.23 -8.38
CA VAL A 488 -7.71 62.99 -7.69
C VAL A 488 -9.04 62.72 -8.35
N GLU A 489 -10.11 62.83 -7.56
CA GLU A 489 -11.44 62.53 -8.05
C GLU A 489 -11.94 63.67 -8.95
N PRO A 490 -12.60 63.35 -10.05
CA PRO A 490 -13.21 64.42 -10.86
C PRO A 490 -14.37 65.12 -10.17
N VAL A 491 -15.10 64.44 -9.30
CA VAL A 491 -16.24 65.01 -8.58
C VAL A 491 -16.22 64.45 -7.17
N PRO A 492 -16.40 65.26 -6.13
CA PRO A 492 -16.29 64.74 -4.77
C PRO A 492 -17.46 63.84 -4.40
N HIS A 493 -17.20 62.95 -3.45
CA HIS A 493 -18.17 61.96 -3.01
C HIS A 493 -18.36 62.08 -1.50
N ASP A 494 -19.54 61.67 -1.05
CA ASP A 494 -19.87 61.60 0.36
C ASP A 494 -19.84 60.15 0.82
N GLU A 495 -20.28 59.92 2.05
CA GLU A 495 -20.27 58.56 2.60
C GLU A 495 -21.36 57.67 2.01
N THR A 496 -22.11 58.09 0.99
CA THR A 496 -23.10 57.23 0.36
C THR A 496 -22.51 56.29 -0.69
N TYR A 497 -21.22 56.43 -1.00
CA TYR A 497 -20.54 55.59 -1.97
C TYR A 497 -19.72 54.53 -1.26
N CYS A 498 -19.40 53.46 -1.99
CA CYS A 498 -18.45 52.45 -1.53
C CYS A 498 -17.44 52.26 -2.66
N ASP A 499 -16.43 53.13 -2.70
CA ASP A 499 -15.45 53.09 -3.78
C ASP A 499 -14.60 51.83 -3.76
N PRO A 500 -14.02 51.40 -2.63
CA PRO A 500 -13.20 50.18 -2.67
C PRO A 500 -13.97 48.95 -3.09
N ALA A 501 -15.26 48.85 -2.76
CA ALA A 501 -16.05 47.69 -3.12
C ALA A 501 -16.25 47.55 -4.63
N SER A 502 -15.95 48.60 -5.40
CA SER A 502 -16.06 48.50 -6.85
C SER A 502 -15.03 47.55 -7.44
N LEU A 503 -14.02 47.15 -6.68
CA LEU A 503 -13.02 46.20 -7.14
C LEU A 503 -13.46 44.77 -6.87
N PHE A 504 -13.00 43.85 -7.73
CA PHE A 504 -13.36 42.45 -7.59
C PHE A 504 -12.83 41.86 -6.29
N HIS A 505 -11.61 42.22 -5.90
CA HIS A 505 -10.96 41.60 -4.75
C HIS A 505 -11.42 42.17 -3.42
N VAL A 506 -12.24 43.21 -3.42
CA VAL A 506 -12.82 43.74 -2.19
C VAL A 506 -14.24 43.25 -2.00
N SER A 507 -15.05 43.28 -3.06
CA SER A 507 -16.40 42.73 -2.98
C SER A 507 -16.36 41.24 -2.68
N ASN A 508 -15.52 40.50 -3.39
CA ASN A 508 -15.25 39.11 -3.06
C ASN A 508 -14.10 39.05 -2.08
N ASP A 509 -14.23 38.20 -1.07
CA ASP A 509 -13.28 38.15 0.03
C ASP A 509 -11.95 37.61 -0.48
N TYR A 510 -11.01 38.51 -0.76
CA TYR A 510 -9.74 38.14 -1.35
C TYR A 510 -8.64 39.04 -0.82
N SER A 511 -7.41 38.54 -0.88
CA SER A 511 -6.23 39.31 -0.50
C SER A 511 -5.64 39.99 -1.73
N PHE A 512 -4.85 41.04 -1.49
CA PHE A 512 -4.31 41.85 -2.56
C PHE A 512 -2.82 42.13 -2.46
N ILE A 513 -2.19 41.87 -1.32
CA ILE A 513 -0.76 42.12 -1.17
C ILE A 513 0.07 41.13 -1.97
N ARG A 514 -0.53 40.03 -2.40
CA ARG A 514 0.20 39.00 -3.13
C ARG A 514 0.74 39.52 -4.45
N TYR A 515 0.00 40.40 -5.12
CA TYR A 515 0.47 40.94 -6.39
C TYR A 515 1.71 41.80 -6.21
N TYR A 516 1.69 42.67 -5.20
CA TYR A 516 2.88 43.45 -4.85
C TYR A 516 4.06 42.54 -4.55
N THR A 517 3.85 41.54 -3.71
CA THR A 517 4.92 40.64 -3.29
C THR A 517 5.49 39.87 -4.48
N ARG A 518 4.62 39.38 -5.36
CA ARG A 518 5.06 38.63 -6.54
C ARG A 518 5.82 39.52 -7.51
N THR A 519 5.35 40.75 -7.72
CA THR A 519 6.05 41.67 -8.60
C THR A 519 7.45 41.95 -8.08
N LEU A 520 7.61 42.07 -6.76
CA LEU A 520 8.95 42.29 -6.23
C LEU A 520 9.81 41.03 -6.28
N TYR A 521 9.22 39.84 -6.13
CA TYR A 521 10.04 38.62 -6.12
C TYR A 521 10.48 38.18 -7.51
N GLN A 522 9.66 38.40 -8.53
CA GLN A 522 9.98 37.84 -9.84
C GLN A 522 11.26 38.43 -10.40
N PHE A 523 11.50 39.73 -10.16
CA PHE A 523 12.72 40.34 -10.68
C PHE A 523 13.94 39.91 -9.88
N GLN A 524 13.79 39.65 -8.58
CA GLN A 524 14.87 39.03 -7.83
C GLN A 524 15.23 37.67 -8.41
N PHE A 525 14.21 36.86 -8.73
CA PHE A 525 14.45 35.55 -9.30
C PHE A 525 15.19 35.67 -10.63
N GLN A 526 14.72 36.58 -11.49
CA GLN A 526 15.36 36.73 -12.80
C GLN A 526 16.78 37.23 -12.67
N GLU A 527 17.02 38.18 -11.76
CA GLU A 527 18.39 38.68 -11.57
C GLU A 527 19.31 37.57 -11.08
N ALA A 528 18.84 36.76 -10.13
CA ALA A 528 19.67 35.65 -9.63
C ALA A 528 19.97 34.65 -10.74
N LEU A 529 18.95 34.28 -11.53
CA LEU A 529 19.17 33.32 -12.60
C LEU A 529 20.11 33.87 -13.67
N CYS A 530 20.00 35.15 -13.99
CA CYS A 530 20.86 35.74 -15.00
C CYS A 530 22.30 35.85 -14.51
N GLN A 531 22.50 36.23 -13.25
CA GLN A 531 23.84 36.26 -12.71
C GLN A 531 24.46 34.86 -12.67
N ALA A 532 23.66 33.85 -12.30
CA ALA A 532 24.15 32.49 -12.33
C ALA A 532 24.39 31.98 -13.74
N ALA A 533 23.85 32.64 -14.75
CA ALA A 533 24.01 32.24 -16.14
C ALA A 533 25.22 32.88 -16.80
N LYS A 534 26.01 33.64 -16.05
CA LYS A 534 27.18 34.35 -16.59
C LYS A 534 26.81 35.18 -17.82
N HIS A 535 25.74 35.95 -17.68
CA HIS A 535 25.23 36.80 -18.76
C HIS A 535 25.88 38.18 -18.68
N GLU A 536 26.34 38.67 -19.83
CA GLU A 536 26.90 40.01 -19.95
C GLU A 536 26.06 40.80 -20.93
N GLY A 537 25.54 41.94 -20.48
CA GLY A 537 24.69 42.76 -21.30
C GLY A 537 23.55 43.37 -20.49
N PRO A 538 22.70 44.15 -21.16
CA PRO A 538 21.52 44.70 -20.48
C PRO A 538 20.65 43.59 -19.90
N LEU A 539 20.11 43.84 -18.71
CA LEU A 539 19.41 42.79 -17.98
C LEU A 539 18.07 42.46 -18.64
N HIS A 540 17.41 43.43 -19.26
CA HIS A 540 16.15 43.14 -19.92
C HIS A 540 16.31 42.27 -21.16
N LYS A 541 17.54 42.05 -21.61
CA LYS A 541 17.85 41.08 -22.65
C LYS A 541 18.70 39.99 -21.99
N CYS A 542 18.04 38.97 -21.46
CA CYS A 542 18.72 37.89 -20.76
C CYS A 542 18.03 36.58 -21.10
N ASP A 543 18.76 35.67 -21.74
CA ASP A 543 18.27 34.33 -22.02
C ASP A 543 19.02 33.35 -21.13
N ILE A 544 18.27 32.51 -20.42
CA ILE A 544 18.87 31.54 -19.50
C ILE A 544 18.99 30.19 -20.18
N SER A 545 18.79 30.18 -21.50
CA SER A 545 18.88 28.93 -22.26
C SER A 545 20.30 28.41 -22.27
N ASN A 546 20.43 27.09 -22.39
CA ASN A 546 21.71 26.41 -22.51
C ASN A 546 22.60 26.65 -21.29
N SER A 547 21.98 26.86 -20.13
CA SER A 547 22.71 27.10 -18.88
C SER A 547 22.12 26.18 -17.81
N THR A 548 22.81 25.07 -17.56
CA THR A 548 22.36 24.14 -16.53
C THR A 548 22.39 24.79 -15.15
N GLU A 549 23.33 25.70 -14.91
CA GLU A 549 23.42 26.35 -13.62
C GLU A 549 22.19 27.21 -13.31
N ALA A 550 21.50 27.69 -14.35
CA ALA A 550 20.31 28.50 -14.17
C ALA A 550 19.05 27.67 -13.97
N GLY A 551 19.14 26.35 -14.06
CA GLY A 551 18.01 25.49 -13.80
C GLY A 551 18.13 24.78 -12.47
N GLN A 552 19.36 24.38 -12.13
CA GLN A 552 19.58 23.68 -10.87
C GLN A 552 19.30 24.59 -9.67
N LYS A 553 19.69 25.87 -9.76
CA LYS A 553 19.42 26.79 -8.66
C LYS A 553 17.92 26.96 -8.45
N LEU A 554 17.15 27.05 -9.52
CA LEU A 554 15.69 27.14 -9.39
C LEU A 554 15.12 25.85 -8.82
N PHE A 555 15.58 24.69 -9.31
CA PHE A 555 15.05 23.42 -8.83
C PHE A 555 15.38 23.19 -7.36
N ASN A 556 16.47 23.80 -6.86
CA ASN A 556 16.78 23.69 -5.44
C ASN A 556 15.68 24.26 -4.56
N MET A 557 14.84 25.13 -5.11
CA MET A 557 13.71 25.69 -4.39
C MET A 557 12.37 25.13 -4.85
N LEU A 558 12.26 24.74 -6.12
CA LEU A 558 10.99 24.26 -6.65
C LEU A 558 10.49 23.02 -5.92
N ARG A 559 11.38 22.21 -5.36
CA ARG A 559 11.02 20.95 -4.73
C ARG A 559 10.67 21.09 -3.25
N LEU A 560 10.85 22.26 -2.66
CA LEU A 560 10.64 22.41 -1.22
C LEU A 560 9.15 22.40 -0.85
N GLY A 561 8.33 23.12 -1.62
CA GLY A 561 6.94 23.26 -1.24
C GLY A 561 6.77 24.16 -0.02
N LYS A 562 5.76 23.83 0.78
CA LYS A 562 5.53 24.52 2.04
C LYS A 562 6.26 23.88 3.22
N SER A 563 7.07 22.85 2.98
CA SER A 563 7.77 22.16 4.06
C SER A 563 8.76 23.05 4.78
N GLU A 564 9.11 24.19 4.20
CA GLU A 564 10.07 25.11 4.77
C GLU A 564 9.51 26.53 4.72
N PRO A 565 9.91 27.40 5.64
CA PRO A 565 9.43 28.78 5.61
C PRO A 565 9.84 29.48 4.32
N TRP A 566 8.98 30.41 3.88
CA TRP A 566 9.26 31.15 2.65
C TRP A 566 10.54 31.95 2.74
N THR A 567 10.97 32.31 3.96
CA THR A 567 12.23 33.02 4.13
C THR A 567 13.39 32.19 3.58
N LEU A 568 13.49 30.93 4.01
CA LEU A 568 14.57 30.07 3.54
C LEU A 568 14.39 29.69 2.07
N ALA A 569 13.14 29.55 1.62
CA ALA A 569 12.90 29.28 0.21
C ALA A 569 13.43 30.40 -0.66
N LEU A 570 13.19 31.65 -0.26
CA LEU A 570 13.73 32.79 -1.01
C LEU A 570 15.25 32.88 -0.87
N GLU A 571 15.77 32.54 0.31
CA GLU A 571 17.22 32.59 0.52
C GLU A 571 17.94 31.59 -0.39
N ASN A 572 17.33 30.42 -0.60
CA ASN A 572 17.97 29.40 -1.43
C ASN A 572 18.15 29.83 -2.88
N VAL A 573 17.42 30.84 -3.34
CA VAL A 573 17.49 31.30 -4.72
C VAL A 573 18.18 32.67 -4.82
N VAL A 574 17.62 33.69 -4.17
CA VAL A 574 18.13 35.03 -4.34
C VAL A 574 19.28 35.36 -3.39
N GLY A 575 19.52 34.54 -2.37
CA GLY A 575 20.59 34.78 -1.42
C GLY A 575 20.21 35.70 -0.28
N ALA A 576 19.08 36.38 -0.35
CA ALA A 576 18.59 37.26 0.69
C ALA A 576 17.31 36.69 1.30
N LYS A 577 17.14 36.92 2.60
CA LYS A 577 16.00 36.37 3.33
C LYS A 577 14.80 37.32 3.36
N ASN A 578 14.88 38.48 2.73
CA ASN A 578 13.83 39.48 2.80
C ASN A 578 13.50 39.99 1.40
N MET A 579 12.29 40.51 1.26
CA MET A 579 11.84 41.06 -0.01
C MET A 579 12.61 42.33 -0.35
N ASN A 580 13.00 42.46 -1.61
CA ASN A 580 13.83 43.58 -2.06
C ASN A 580 13.23 44.15 -3.34
N VAL A 581 13.47 45.44 -3.57
CA VAL A 581 12.93 46.15 -4.71
C VAL A 581 14.02 46.62 -5.67
N ARG A 582 15.29 46.52 -5.28
CA ARG A 582 16.38 46.97 -6.15
C ARG A 582 16.42 46.27 -7.50
N PRO A 583 16.23 44.95 -7.62
CA PRO A 583 16.20 44.34 -8.96
C PRO A 583 15.14 44.92 -9.88
N LEU A 584 13.97 45.30 -9.35
CA LEU A 584 12.95 45.93 -10.18
C LEU A 584 13.43 47.27 -10.70
N LEU A 585 14.12 48.06 -9.86
CA LEU A 585 14.65 49.33 -10.30
C LEU A 585 15.75 49.15 -11.34
N ASN A 586 16.60 48.13 -11.17
CA ASN A 586 17.66 47.87 -12.13
C ASN A 586 17.13 47.40 -13.48
N TYR A 587 15.88 46.94 -13.53
CA TYR A 587 15.32 46.46 -14.79
C TYR A 587 14.94 47.60 -15.71
N PHE A 588 14.62 48.77 -15.17
CA PHE A 588 14.14 49.91 -15.96
C PHE A 588 15.12 51.07 -15.97
N GLU A 589 16.41 50.81 -15.76
CA GLU A 589 17.38 51.91 -15.72
C GLU A 589 17.50 52.66 -17.03
N PRO A 590 17.59 52.01 -18.22
CA PRO A 590 17.53 52.80 -19.47
C PRO A 590 16.29 53.67 -19.56
N LEU A 591 15.13 53.12 -19.20
CA LEU A 591 13.90 53.92 -19.23
C LEU A 591 13.95 55.02 -18.18
N PHE A 592 14.56 54.77 -17.03
CA PHE A 592 14.70 55.81 -16.01
C PHE A 592 15.51 56.99 -16.54
N THR A 593 16.65 56.68 -17.17
CA THR A 593 17.49 57.74 -17.73
C THR A 593 16.77 58.49 -18.84
N TRP A 594 16.08 57.78 -19.72
CA TRP A 594 15.34 58.43 -20.79
C TRP A 594 14.24 59.32 -20.24
N LEU A 595 13.53 58.87 -19.20
CA LEU A 595 12.47 59.66 -18.60
C LEU A 595 13.02 60.93 -17.96
N LYS A 596 14.13 60.82 -17.22
CA LYS A 596 14.73 61.99 -16.62
C LYS A 596 15.21 62.97 -17.69
N ASP A 597 15.75 62.45 -18.80
CA ASP A 597 16.14 63.33 -19.89
C ASP A 597 14.94 64.04 -20.50
N GLN A 598 13.83 63.33 -20.68
CA GLN A 598 12.66 63.91 -21.33
C GLN A 598 11.85 64.79 -20.39
N ASN A 599 12.10 64.75 -19.08
CA ASN A 599 11.39 65.56 -18.10
C ASN A 599 12.24 66.69 -17.55
N LYS A 600 13.10 67.27 -18.38
CA LYS A 600 13.89 68.41 -17.94
C LYS A 600 13.12 69.72 -18.06
N ASN A 601 11.99 69.73 -18.76
CA ASN A 601 11.19 70.94 -18.94
C ASN A 601 9.81 70.82 -18.30
N SER A 602 9.62 69.88 -17.39
CA SER A 602 8.36 69.69 -16.69
C SER A 602 8.61 69.68 -15.17
N PHE A 603 7.53 69.54 -14.42
CA PHE A 603 7.58 69.56 -12.96
C PHE A 603 7.31 68.16 -12.44
N VAL A 604 8.19 67.69 -11.54
CA VAL A 604 8.08 66.37 -10.95
C VAL A 604 7.43 66.51 -9.58
N GLY A 605 6.41 65.70 -9.33
CA GLY A 605 5.62 65.77 -8.12
C GLY A 605 4.20 66.23 -8.40
N TRP A 606 3.44 66.38 -7.32
CA TRP A 606 2.06 66.84 -7.44
C TRP A 606 1.65 67.54 -6.15
N SER A 607 0.57 68.29 -6.25
CA SER A 607 -0.01 69.02 -5.14
C SER A 607 -1.29 68.35 -4.68
N THR A 608 -1.59 68.43 -3.38
CA THR A 608 -2.75 67.79 -2.80
C THR A 608 -3.91 68.77 -2.61
N ASP A 609 -4.06 69.74 -3.52
CA ASP A 609 -5.13 70.72 -3.41
C ASP A 609 -5.92 70.82 -4.70
N TRP A 610 -5.25 70.66 -5.84
CA TRP A 610 -5.91 70.81 -7.14
C TRP A 610 -6.94 69.70 -7.35
N SER A 611 -8.04 70.05 -8.02
CA SER A 611 -9.10 69.11 -8.30
C SER A 611 -9.86 69.60 -9.53
N PRO A 612 -10.37 68.70 -10.37
CA PRO A 612 -11.17 69.15 -11.52
C PRO A 612 -12.42 69.92 -11.11
N TYR A 613 -12.98 69.64 -9.94
CA TYR A 613 -14.17 70.33 -9.46
C TYR A 613 -13.84 71.57 -8.64
N ALA A 614 -12.56 71.89 -8.46
CA ALA A 614 -12.17 73.07 -7.69
C ALA A 614 -12.49 74.35 -8.45
N THR B 15 9.14 -34.99 -22.47
CA THR B 15 9.66 -34.09 -21.45
C THR B 15 8.58 -33.14 -20.96
N ASN B 16 8.44 -33.03 -19.64
CA ASN B 16 7.45 -32.15 -19.02
C ASN B 16 8.10 -30.82 -18.70
N LEU B 17 7.86 -29.82 -19.56
CA LEU B 17 8.38 -28.48 -19.31
C LEU B 17 7.69 -27.86 -18.10
N CYS B 18 8.46 -27.12 -17.31
CA CYS B 18 7.92 -26.53 -16.10
C CYS B 18 6.86 -25.48 -16.44
N PRO B 19 5.75 -25.43 -15.70
CA PRO B 19 4.64 -24.51 -16.03
C PRO B 19 4.86 -23.11 -15.49
N PHE B 20 5.84 -22.40 -16.05
CA PHE B 20 5.95 -20.96 -15.77
C PHE B 20 4.85 -20.17 -16.44
N ASP B 21 4.16 -20.76 -17.42
CA ASP B 21 3.07 -20.06 -18.10
C ASP B 21 1.92 -19.77 -17.15
N GLU B 22 1.54 -20.73 -16.32
CA GLU B 22 0.42 -20.50 -15.40
C GLU B 22 0.79 -19.57 -14.26
N VAL B 23 2.06 -19.22 -14.11
CA VAL B 23 2.51 -18.25 -13.11
C VAL B 23 2.51 -16.83 -13.68
N PHE B 24 3.21 -16.63 -14.80
CA PHE B 24 3.32 -15.31 -15.38
C PHE B 24 2.03 -14.88 -16.06
N ASN B 25 1.33 -15.80 -16.70
CA ASN B 25 0.17 -15.49 -17.53
C ASN B 25 -1.15 -15.66 -16.79
N ALA B 26 -1.15 -15.51 -15.47
CA ALA B 26 -2.37 -15.69 -14.69
C ALA B 26 -3.35 -14.55 -14.95
N THR B 27 -4.64 -14.87 -14.77
CA THR B 27 -5.68 -13.87 -14.97
C THR B 27 -5.59 -12.77 -13.91
N ARG B 28 -5.45 -13.16 -12.65
CA ARG B 28 -5.32 -12.23 -11.54
C ARG B 28 -4.16 -12.65 -10.65
N PHE B 29 -3.53 -11.66 -10.03
CA PHE B 29 -2.42 -11.89 -9.12
C PHE B 29 -2.91 -11.76 -7.67
N ALA B 30 -1.98 -11.78 -6.73
CA ALA B 30 -2.30 -11.71 -5.32
C ALA B 30 -2.03 -10.31 -4.77
N SER B 31 -2.67 -10.01 -3.64
CA SER B 31 -2.41 -8.76 -2.94
C SER B 31 -1.05 -8.82 -2.24
N VAL B 32 -0.57 -7.65 -1.80
CA VAL B 32 0.77 -7.58 -1.24
C VAL B 32 0.81 -8.24 0.13
N TYR B 33 -0.19 -7.96 0.98
CA TYR B 33 -0.20 -8.53 2.32
C TYR B 33 -0.51 -10.02 2.31
N ALA B 34 -1.19 -10.51 1.27
CA ALA B 34 -1.44 -11.94 1.07
C ALA B 34 -0.83 -12.29 -0.29
N TRP B 35 0.46 -12.55 -0.30
CA TRP B 35 1.21 -12.79 -1.52
C TRP B 35 1.25 -14.27 -1.86
N ASN B 36 1.08 -14.57 -3.14
CA ASN B 36 0.84 -15.94 -3.57
C ASN B 36 2.17 -16.67 -3.72
N ARG B 37 2.22 -17.92 -3.24
CA ARG B 37 3.41 -18.76 -3.38
C ARG B 37 3.05 -20.02 -4.14
N LYS B 38 3.87 -20.35 -5.17
CA LYS B 38 3.66 -21.57 -5.98
C LYS B 38 4.94 -22.39 -6.02
N ARG B 39 4.86 -23.68 -5.75
CA ARG B 39 6.00 -24.58 -5.79
C ARG B 39 6.04 -25.31 -7.12
N ILE B 40 7.21 -25.34 -7.74
CA ILE B 40 7.41 -26.05 -9.00
C ILE B 40 8.59 -26.99 -8.86
N SER B 41 8.39 -28.24 -9.27
CA SER B 41 9.40 -29.29 -9.17
C SER B 41 9.02 -30.43 -10.10
N ASN B 42 9.92 -31.40 -10.22
CA ASN B 42 9.64 -32.60 -11.06
C ASN B 42 9.36 -32.16 -12.51
N CYS B 43 10.19 -31.24 -13.04
CA CYS B 43 10.02 -30.85 -14.44
C CYS B 43 11.31 -30.21 -14.93
N VAL B 44 11.43 -30.12 -16.25
CA VAL B 44 12.55 -29.44 -16.88
C VAL B 44 12.19 -27.97 -17.09
N ALA B 45 13.09 -27.07 -16.69
CA ALA B 45 12.83 -25.64 -16.69
C ALA B 45 13.69 -24.98 -17.76
N ASP B 46 13.06 -24.21 -18.64
CA ASP B 46 13.74 -23.43 -19.66
C ASP B 46 13.55 -21.95 -19.33
N TYR B 47 14.65 -21.22 -19.25
CA TYR B 47 14.61 -19.80 -18.92
C TYR B 47 14.51 -18.91 -20.15
N SER B 48 14.46 -19.49 -21.35
CA SER B 48 14.27 -18.70 -22.55
C SER B 48 12.82 -18.26 -22.72
N VAL B 49 11.87 -19.10 -22.30
CA VAL B 49 10.46 -18.73 -22.41
C VAL B 49 10.15 -17.56 -21.49
N LEU B 50 10.80 -17.51 -20.32
CA LEU B 50 10.57 -16.42 -19.37
C LEU B 50 10.93 -15.07 -19.98
N TYR B 51 11.75 -15.04 -21.03
CA TYR B 51 12.13 -13.79 -21.66
C TYR B 51 11.07 -13.26 -22.63
N ASN B 52 9.92 -13.93 -22.73
CA ASN B 52 8.79 -13.39 -23.46
C ASN B 52 8.20 -12.21 -22.70
N PHE B 53 7.11 -11.65 -23.23
CA PHE B 53 6.50 -10.44 -22.68
C PHE B 53 7.54 -9.30 -22.65
N ALA B 54 7.90 -8.87 -23.86
CA ALA B 54 9.08 -8.04 -24.06
C ALA B 54 9.19 -6.84 -23.11
N PRO B 55 8.14 -6.08 -22.81
CA PRO B 55 8.32 -4.96 -21.86
C PRO B 55 8.60 -5.45 -20.44
N PHE B 56 9.83 -5.28 -19.99
CA PHE B 56 10.25 -5.59 -18.63
C PHE B 56 10.63 -4.30 -17.92
N PHE B 57 9.90 -3.98 -16.84
CA PHE B 57 10.31 -2.86 -15.99
C PHE B 57 11.64 -3.18 -15.30
N ALA B 58 11.80 -4.41 -14.82
CA ALA B 58 13.03 -4.81 -14.17
C ALA B 58 13.17 -6.32 -14.20
N PHE B 59 14.39 -6.79 -14.48
CA PHE B 59 14.75 -8.21 -14.46
C PHE B 59 16.11 -8.28 -13.78
N LYS B 60 16.11 -8.44 -12.45
CA LYS B 60 17.35 -8.35 -11.68
C LYS B 60 17.50 -9.58 -10.81
N CYS B 61 18.67 -10.20 -10.87
CA CYS B 61 18.93 -11.42 -10.11
C CYS B 61 20.11 -11.21 -9.17
N TYR B 62 20.03 -11.85 -8.01
CA TYR B 62 21.03 -11.75 -6.96
C TYR B 62 21.54 -13.13 -6.62
N GLY B 63 22.86 -13.26 -6.49
CA GLY B 63 23.49 -14.56 -6.32
C GLY B 63 23.92 -15.14 -7.65
N VAL B 64 23.10 -16.02 -8.21
CA VAL B 64 23.40 -16.55 -9.54
C VAL B 64 23.20 -15.46 -10.58
N SER B 65 23.77 -15.70 -11.77
CA SER B 65 23.62 -14.75 -12.86
C SER B 65 22.59 -15.26 -13.87
N PRO B 66 21.84 -14.34 -14.50
CA PRO B 66 20.85 -14.79 -15.49
C PRO B 66 21.45 -15.54 -16.66
N THR B 67 22.68 -15.19 -17.08
CA THR B 67 23.31 -15.90 -18.19
C THR B 67 23.62 -17.34 -17.82
N LYS B 68 24.08 -17.58 -16.60
CA LYS B 68 24.45 -18.91 -16.14
C LYS B 68 23.30 -19.62 -15.43
N LEU B 69 22.09 -19.05 -15.48
CA LEU B 69 20.95 -19.70 -14.84
C LEU B 69 20.51 -20.97 -15.57
N ASN B 70 20.77 -21.07 -16.88
CA ASN B 70 20.27 -22.20 -17.64
C ASN B 70 20.95 -23.50 -17.21
N ASP B 71 22.26 -23.46 -16.98
CA ASP B 71 23.00 -24.65 -16.58
C ASP B 71 23.16 -24.69 -15.06
N LEU B 72 22.05 -25.03 -14.41
CA LEU B 72 22.01 -25.17 -12.95
C LEU B 72 20.97 -26.20 -12.58
N CYS B 73 21.10 -26.75 -11.38
CA CYS B 73 20.16 -27.74 -10.86
C CYS B 73 19.80 -27.42 -9.42
N PHE B 74 18.52 -27.60 -9.09
CA PHE B 74 18.00 -27.35 -7.75
C PHE B 74 16.99 -28.44 -7.40
N THR B 75 16.51 -28.41 -6.15
CA THR B 75 15.49 -29.36 -5.72
C THR B 75 14.09 -28.84 -6.07
N ASN B 76 13.78 -27.61 -5.66
CA ASN B 76 12.47 -27.02 -5.90
C ASN B 76 12.64 -25.54 -6.20
N VAL B 77 11.65 -24.96 -6.88
CA VAL B 77 11.63 -23.53 -7.12
C VAL B 77 10.33 -22.97 -6.60
N TYR B 78 10.41 -21.78 -6.01
CA TYR B 78 9.25 -21.12 -5.43
C TYR B 78 9.05 -19.77 -6.12
N ALA B 79 7.87 -19.59 -6.69
CA ALA B 79 7.50 -18.34 -7.34
C ALA B 79 6.51 -17.61 -6.46
N ASP B 80 6.89 -16.41 -6.02
CA ASP B 80 6.03 -15.56 -5.21
C ASP B 80 5.52 -14.43 -6.10
N SER B 81 4.20 -14.29 -6.18
CA SER B 81 3.57 -13.37 -7.11
C SER B 81 2.67 -12.40 -6.35
N PHE B 82 2.71 -11.13 -6.78
CA PHE B 82 1.77 -10.12 -6.29
C PHE B 82 1.83 -8.91 -7.22
N VAL B 83 1.08 -7.86 -6.86
CA VAL B 83 1.01 -6.61 -7.61
C VAL B 83 1.21 -5.45 -6.65
N ILE B 84 2.06 -4.50 -7.02
CA ILE B 84 2.28 -3.32 -6.18
C ILE B 84 2.20 -2.05 -7.02
N ARG B 85 2.49 -0.91 -6.40
CA ARG B 85 2.65 0.36 -7.07
C ARG B 85 4.04 0.44 -7.70
N GLY B 86 4.15 1.22 -8.78
CA GLY B 86 5.43 1.33 -9.48
C GLY B 86 6.54 1.87 -8.61
N ASN B 87 6.29 2.97 -7.90
CA ASN B 87 7.30 3.58 -7.05
C ASN B 87 7.77 2.64 -5.95
N GLU B 88 7.00 1.60 -5.66
CA GLU B 88 7.35 0.64 -4.62
C GLU B 88 8.21 -0.50 -5.11
N VAL B 89 8.51 -0.57 -6.42
CA VAL B 89 9.26 -1.72 -6.94
C VAL B 89 10.63 -1.81 -6.28
N SER B 90 11.31 -0.67 -6.14
CA SER B 90 12.62 -0.65 -5.52
C SER B 90 12.61 -1.13 -4.09
N GLN B 91 11.44 -1.41 -3.51
CA GLN B 91 11.31 -1.92 -2.17
C GLN B 91 11.31 -3.45 -2.10
N ILE B 92 11.52 -4.13 -3.23
CA ILE B 92 11.47 -5.58 -3.23
C ILE B 92 12.89 -6.11 -3.43
N ALA B 93 13.85 -5.37 -2.90
CA ALA B 93 15.25 -5.78 -2.87
C ALA B 93 15.71 -5.97 -1.43
N PRO B 94 16.76 -6.76 -1.21
CA PRO B 94 17.31 -6.89 0.15
C PRO B 94 17.76 -5.55 0.70
N GLY B 95 17.54 -5.35 1.99
CA GLY B 95 17.93 -4.11 2.66
C GLY B 95 17.20 -2.89 2.16
N GLN B 96 15.88 -2.99 2.02
CA GLN B 96 15.04 -1.90 1.57
C GLN B 96 14.00 -1.56 2.63
N THR B 97 13.63 -0.29 2.70
CA THR B 97 12.73 0.21 3.72
C THR B 97 11.55 0.93 3.08
N GLY B 98 10.36 0.70 3.63
CA GLY B 98 9.16 1.33 3.16
C GLY B 98 7.95 0.66 3.76
N ASN B 99 6.78 1.14 3.36
CA ASN B 99 5.54 0.53 3.83
C ASN B 99 5.43 -0.92 3.35
N ILE B 100 5.82 -1.18 2.10
CA ILE B 100 5.76 -2.54 1.57
C ILE B 100 6.81 -3.42 2.24
N ALA B 101 8.01 -2.88 2.45
CA ALA B 101 9.12 -3.67 2.98
C ALA B 101 9.10 -3.81 4.49
N ASP B 102 8.21 -3.10 5.18
CA ASP B 102 8.14 -3.19 6.63
C ASP B 102 6.87 -3.85 7.14
N TYR B 103 5.77 -3.77 6.41
CA TYR B 103 4.50 -4.34 6.85
C TYR B 103 3.88 -5.33 5.89
N ASN B 104 4.33 -5.40 4.64
CA ASN B 104 3.64 -6.19 3.62
C ASN B 104 4.47 -7.34 3.08
N TYR B 105 5.65 -7.08 2.51
CA TYR B 105 6.48 -8.11 1.91
C TYR B 105 7.93 -7.84 2.27
N LYS B 106 8.63 -8.89 2.70
CA LYS B 106 9.99 -8.75 3.18
C LYS B 106 10.89 -9.81 2.53
N LEU B 107 12.07 -9.40 2.08
CA LEU B 107 13.08 -10.28 1.55
C LEU B 107 14.33 -10.23 2.43
N PRO B 108 14.94 -11.38 2.70
CA PRO B 108 16.09 -11.38 3.61
C PRO B 108 17.32 -10.72 3.00
N ASP B 109 18.26 -10.38 3.88
CA ASP B 109 19.48 -9.71 3.44
C ASP B 109 20.30 -10.61 2.52
N ASP B 110 20.42 -11.89 2.86
CA ASP B 110 21.19 -12.85 2.08
C ASP B 110 20.35 -13.54 1.00
N PHE B 111 19.28 -12.88 0.55
CA PHE B 111 18.39 -13.48 -0.43
C PHE B 111 19.12 -13.74 -1.75
N THR B 112 18.96 -14.95 -2.28
CA THR B 112 19.52 -15.33 -3.57
C THR B 112 18.38 -15.77 -4.48
N GLY B 113 18.14 -15.01 -5.52
CA GLY B 113 17.03 -15.30 -6.42
C GLY B 113 16.83 -14.18 -7.41
N CYS B 114 15.78 -14.34 -8.22
CA CYS B 114 15.50 -13.42 -9.30
C CYS B 114 14.21 -12.65 -9.04
N VAL B 115 14.20 -11.39 -9.46
CA VAL B 115 13.04 -10.50 -9.32
C VAL B 115 12.67 -10.00 -10.70
N ILE B 116 11.41 -10.21 -11.09
CA ILE B 116 10.90 -9.79 -12.39
C ILE B 116 9.67 -8.94 -12.15
N ALA B 117 9.74 -7.67 -12.54
CA ALA B 117 8.64 -6.73 -12.41
C ALA B 117 8.30 -6.18 -13.78
N TRP B 118 7.02 -6.25 -14.14
CA TRP B 118 6.59 -5.71 -15.43
C TRP B 118 5.28 -4.94 -15.27
N ASN B 119 5.09 -3.98 -16.16
CA ASN B 119 3.92 -3.12 -16.11
C ASN B 119 2.64 -3.92 -16.35
N SER B 120 1.58 -3.54 -15.62
CA SER B 120 0.29 -4.19 -15.76
C SER B 120 -0.83 -3.16 -15.78
N ASN B 121 -0.56 -1.99 -16.37
CA ASN B 121 -1.58 -0.95 -16.45
C ASN B 121 -2.73 -1.35 -17.35
N LYS B 122 -2.51 -2.23 -18.31
CA LYS B 122 -3.55 -2.62 -19.26
C LYS B 122 -4.47 -3.70 -18.73
N LEU B 123 -4.20 -4.26 -17.55
CA LEU B 123 -5.00 -5.35 -17.04
C LEU B 123 -5.52 -5.09 -15.63
N ASP B 124 -4.74 -4.34 -14.83
CA ASP B 124 -5.05 -4.17 -13.42
C ASP B 124 -5.53 -2.77 -13.07
N SER B 125 -5.88 -1.96 -14.07
CA SER B 125 -6.34 -0.60 -13.85
C SER B 125 -7.76 -0.47 -14.39
N LYS B 126 -8.65 0.07 -13.55
CA LYS B 126 -10.03 0.31 -13.95
C LYS B 126 -10.40 1.76 -13.65
N VAL B 127 -11.29 2.29 -14.48
CA VAL B 127 -11.81 3.63 -14.24
C VAL B 127 -12.78 3.58 -13.06
N GLY B 128 -12.59 4.48 -12.10
CA GLY B 128 -13.37 4.51 -10.89
C GLY B 128 -12.68 3.91 -9.68
N GLY B 129 -11.63 3.12 -9.89
CA GLY B 129 -10.87 2.58 -8.79
C GLY B 129 -10.89 1.07 -8.70
N ASN B 130 -9.72 0.46 -8.82
CA ASN B 130 -9.54 -0.99 -8.64
C ASN B 130 -9.10 -1.20 -7.19
N TYR B 131 -10.07 -1.43 -6.31
CA TYR B 131 -9.82 -1.49 -4.87
C TYR B 131 -9.53 -2.90 -4.37
N ASN B 132 -9.40 -3.87 -5.28
CA ASN B 132 -9.15 -5.25 -4.85
C ASN B 132 -7.73 -5.46 -4.34
N TYR B 133 -6.83 -4.53 -4.60
CA TYR B 133 -5.44 -4.64 -4.18
C TYR B 133 -5.23 -3.83 -2.90
N ARG B 134 -4.75 -4.50 -1.85
CA ARG B 134 -4.64 -3.90 -0.53
C ARG B 134 -3.26 -4.13 0.04
N TYR B 135 -2.85 -3.24 0.93
CA TYR B 135 -1.60 -3.34 1.67
C TYR B 135 -1.86 -3.01 3.13
N ARG B 136 -0.89 -3.27 3.99
CA ARG B 136 -0.99 -3.01 5.42
C ARG B 136 -0.26 -1.73 5.75
N LEU B 137 -0.93 -0.83 6.46
CA LEU B 137 -0.37 0.48 6.76
C LEU B 137 0.17 0.58 8.18
N PHE B 138 -0.54 -0.01 9.15
CA PHE B 138 -0.16 0.08 10.56
C PHE B 138 0.10 -1.32 11.12
N ARG B 139 1.06 -1.38 12.03
CA ARG B 139 1.40 -2.63 12.71
C ARG B 139 2.21 -2.29 13.95
N LYS B 140 2.17 -3.20 14.92
CA LYS B 140 2.90 -2.98 16.18
C LYS B 140 4.41 -3.07 15.97
N SER B 141 4.86 -3.97 15.09
CA SER B 141 6.28 -4.15 14.84
C SER B 141 6.48 -4.41 13.35
N ASN B 142 7.70 -4.78 12.98
CA ASN B 142 8.02 -5.08 11.59
C ASN B 142 7.95 -6.59 11.34
N LEU B 143 7.93 -6.98 10.08
CA LEU B 143 7.87 -8.39 9.68
C LEU B 143 9.26 -8.94 9.45
N LYS B 144 9.35 -10.24 9.71
CA LYS B 144 10.64 -10.91 9.50
C LYS B 144 10.61 -11.46 8.08
N PRO B 145 11.74 -11.86 7.49
CA PRO B 145 11.76 -12.29 6.09
C PRO B 145 10.80 -13.45 5.83
N PHE B 146 10.15 -13.41 4.66
CA PHE B 146 9.20 -14.45 4.24
C PHE B 146 8.10 -14.67 5.27
N GLU B 147 7.54 -13.57 5.78
CA GLU B 147 6.45 -13.62 6.74
C GLU B 147 5.20 -13.05 6.11
N ARG B 148 4.10 -13.78 6.22
CA ARG B 148 2.80 -13.36 5.70
C ARG B 148 1.83 -13.16 6.85
N ASP B 149 1.22 -11.99 6.91
CA ASP B 149 0.26 -11.65 7.95
C ASP B 149 -1.07 -11.30 7.30
N ILE B 150 -2.14 -11.95 7.75
CA ILE B 150 -3.48 -11.72 7.22
C ILE B 150 -4.42 -11.32 8.35
N SER B 151 -3.86 -10.92 9.48
CA SER B 151 -4.67 -10.53 10.62
C SER B 151 -5.42 -9.24 10.33
N THR B 152 -6.57 -9.09 10.97
CA THR B 152 -7.47 -7.96 10.77
C THR B 152 -7.93 -7.40 12.10
N GLU B 153 -6.99 -7.19 13.02
CA GLU B 153 -7.29 -6.65 14.34
C GLU B 153 -7.12 -5.13 14.33
N ILE B 154 -7.88 -4.46 15.19
CA ILE B 154 -7.86 -3.01 15.25
C ILE B 154 -6.56 -2.55 15.90
N TYR B 155 -5.88 -1.60 15.25
CA TYR B 155 -4.63 -1.06 15.74
C TYR B 155 -4.92 0.07 16.72
N GLN B 156 -4.24 0.03 17.87
CA GLN B 156 -4.43 1.00 18.94
C GLN B 156 -3.25 1.97 18.93
N ALA B 157 -3.56 3.26 18.81
CA ALA B 157 -2.54 4.31 18.77
C ALA B 157 -2.50 5.15 20.04
N GLY B 158 -3.25 4.76 21.07
CA GLY B 158 -3.30 5.54 22.29
C GLY B 158 -3.12 4.71 23.54
N ASN B 159 -3.71 5.16 24.65
CA ASN B 159 -3.59 4.47 25.93
C ASN B 159 -4.96 4.12 26.50
N LYS B 160 -5.96 3.94 25.63
CA LYS B 160 -7.29 3.54 26.04
C LYS B 160 -7.75 2.35 25.20
N PRO B 161 -8.23 1.29 25.85
CA PRO B 161 -8.73 0.14 25.11
C PRO B 161 -9.77 0.53 24.06
N CYS B 162 -9.64 -0.05 22.87
CA CYS B 162 -10.56 0.24 21.79
C CYS B 162 -11.83 -0.59 21.83
N ASN B 163 -11.83 -1.68 22.60
CA ASN B 163 -13.00 -2.55 22.74
C ASN B 163 -13.48 -3.09 21.39
N GLY B 164 -12.55 -3.30 20.47
CA GLY B 164 -12.88 -3.91 19.20
C GLY B 164 -13.67 -3.03 18.25
N VAL B 165 -13.72 -1.72 18.48
CA VAL B 165 -14.42 -0.80 17.60
C VAL B 165 -13.49 0.37 17.29
N ALA B 166 -13.50 0.82 16.04
CA ALA B 166 -12.68 1.96 15.64
C ALA B 166 -13.25 3.25 16.23
N GLY B 167 -12.38 4.24 16.35
CA GLY B 167 -12.77 5.52 16.91
C GLY B 167 -11.61 6.48 17.08
N VAL B 168 -11.49 7.08 18.25
CA VAL B 168 -10.39 8.00 18.53
C VAL B 168 -9.15 7.19 18.84
N ASN B 169 -8.08 7.42 18.08
CA ASN B 169 -6.80 6.72 18.23
C ASN B 169 -6.93 5.22 18.03
N CYS B 170 -7.97 4.76 17.35
CA CYS B 170 -8.16 3.36 17.00
C CYS B 170 -8.41 3.28 15.50
N TYR B 171 -7.60 2.47 14.80
CA TYR B 171 -7.62 2.48 13.35
C TYR B 171 -7.71 1.06 12.80
N PHE B 172 -8.09 0.97 11.53
CA PHE B 172 -8.10 -0.25 10.73
C PHE B 172 -6.80 -0.38 9.97
N PRO B 173 -6.10 -1.52 10.07
CA PRO B 173 -4.71 -1.56 9.57
C PRO B 173 -4.59 -1.59 8.06
N LEU B 174 -5.50 -2.24 7.35
CA LEU B 174 -5.36 -2.47 5.92
C LEU B 174 -5.98 -1.34 5.11
N GLN B 175 -5.25 -0.88 4.10
CA GLN B 175 -5.71 0.14 3.17
C GLN B 175 -5.65 -0.41 1.75
N SER B 176 -6.29 0.29 0.83
CA SER B 176 -6.51 -0.21 -0.52
C SER B 176 -5.95 0.75 -1.56
N TYR B 177 -5.34 0.18 -2.60
CA TYR B 177 -4.90 0.97 -3.75
C TYR B 177 -6.09 1.37 -4.62
N GLY B 178 -5.92 2.47 -5.34
CA GLY B 178 -6.97 2.98 -6.20
C GLY B 178 -6.60 3.06 -7.66
N PHE B 179 -5.99 2.00 -8.19
CA PHE B 179 -5.37 2.05 -9.51
C PHE B 179 -6.38 2.47 -10.58
N ARG B 180 -5.96 3.43 -11.41
CA ARG B 180 -6.72 3.93 -12.54
C ARG B 180 -5.78 4.10 -13.72
N PRO B 181 -6.27 4.01 -14.95
CA PRO B 181 -5.39 4.13 -16.11
C PRO B 181 -4.78 5.52 -16.28
N THR B 182 -5.39 6.56 -15.74
CA THR B 182 -4.92 7.92 -15.93
C THR B 182 -3.81 8.31 -14.96
N TYR B 183 -3.42 7.41 -14.06
CA TYR B 183 -2.35 7.70 -13.12
C TYR B 183 -1.02 7.86 -13.85
N GLY B 184 -0.01 8.28 -13.10
CA GLY B 184 1.33 8.35 -13.64
C GLY B 184 2.00 7.00 -13.67
N VAL B 185 3.19 6.98 -14.29
CA VAL B 185 3.93 5.73 -14.41
C VAL B 185 4.33 5.20 -13.04
N GLY B 186 4.67 6.09 -12.12
CA GLY B 186 5.06 5.68 -10.78
C GLY B 186 3.93 5.16 -9.93
N HIS B 187 2.70 5.55 -10.22
CA HIS B 187 1.53 5.10 -9.47
C HIS B 187 0.76 4.00 -10.20
N GLN B 188 1.28 3.52 -11.33
CA GLN B 188 0.64 2.46 -12.09
C GLN B 188 0.88 1.10 -11.44
N PRO B 189 -0.07 0.17 -11.56
CA PRO B 189 0.16 -1.17 -11.03
C PRO B 189 1.27 -1.89 -11.77
N TYR B 190 2.03 -2.69 -11.04
CA TYR B 190 3.13 -3.47 -11.59
C TYR B 190 3.07 -4.87 -11.00
N ARG B 191 3.15 -5.87 -11.87
CA ARG B 191 3.12 -7.27 -11.45
C ARG B 191 4.55 -7.73 -11.17
N VAL B 192 4.75 -8.32 -9.99
CA VAL B 192 6.06 -8.71 -9.51
C VAL B 192 6.04 -10.20 -9.20
N VAL B 193 7.04 -10.91 -9.72
CA VAL B 193 7.26 -12.33 -9.44
C VAL B 193 8.70 -12.52 -8.98
N VAL B 194 8.86 -13.27 -7.90
CA VAL B 194 10.16 -13.53 -7.29
C VAL B 194 10.41 -15.03 -7.36
N LEU B 195 11.53 -15.41 -7.97
CA LEU B 195 11.93 -16.80 -8.09
C LEU B 195 13.00 -17.07 -7.05
N SER B 196 12.72 -18.02 -6.15
CA SER B 196 13.67 -18.46 -5.13
C SER B 196 13.99 -19.93 -5.36
N PHE B 197 15.27 -20.26 -5.37
CA PHE B 197 15.74 -21.59 -5.71
C PHE B 197 16.18 -22.29 -4.43
N GLU B 198 15.60 -23.46 -4.14
CA GLU B 198 15.96 -24.21 -2.95
C GLU B 198 16.46 -25.58 -3.35
N LEU B 199 17.74 -25.84 -3.10
CA LEU B 199 18.36 -27.13 -3.34
C LEU B 199 18.88 -27.68 -2.02
N LEU B 200 18.62 -28.96 -1.79
CA LEU B 200 18.90 -29.60 -0.51
C LEU B 200 19.92 -30.73 -0.71
N HIS B 201 20.35 -31.33 0.41
CA HIS B 201 21.22 -32.49 0.35
C HIS B 201 20.53 -33.72 -0.21
N ALA B 202 19.21 -33.68 -0.38
CA ALA B 202 18.50 -34.70 -1.11
C ALA B 202 18.83 -34.59 -2.59
N PRO B 203 18.54 -35.62 -3.37
CA PRO B 203 18.79 -35.53 -4.82
C PRO B 203 18.11 -34.33 -5.44
N ALA B 204 18.85 -33.61 -6.28
CA ALA B 204 18.31 -32.44 -6.95
C ALA B 204 17.26 -32.85 -7.97
N THR B 205 16.25 -32.01 -8.13
CA THR B 205 15.11 -32.33 -8.98
C THR B 205 14.88 -31.30 -10.09
N VAL B 206 15.00 -30.02 -9.79
CA VAL B 206 14.76 -28.98 -10.79
C VAL B 206 16.04 -28.78 -11.59
N CYS B 207 15.98 -29.11 -12.88
CA CYS B 207 17.13 -28.98 -13.77
C CYS B 207 16.67 -28.47 -15.12
N GLY B 208 17.60 -27.85 -15.84
CA GLY B 208 17.33 -27.34 -17.16
C GLY B 208 17.71 -28.34 -18.24
N PRO B 209 17.62 -27.93 -19.51
CA PRO B 209 17.98 -28.76 -20.67
C PRO B 209 19.38 -29.34 -20.57
N GLN C 1 19.00 -37.57 1.90
CA GLN C 1 19.45 -38.26 3.11
C GLN C 1 18.94 -37.56 4.36
N VAL C 2 17.95 -36.70 4.19
CA VAL C 2 17.41 -35.93 5.31
C VAL C 2 16.72 -36.88 6.27
N GLN C 3 17.12 -36.83 7.55
CA GLN C 3 16.60 -37.74 8.55
C GLN C 3 16.20 -36.96 9.79
N LEU C 4 15.02 -37.29 10.34
CA LEU C 4 14.50 -36.69 11.56
C LEU C 4 14.29 -37.80 12.58
N VAL C 5 14.87 -37.65 13.77
CA VAL C 5 14.79 -38.65 14.82
C VAL C 5 14.25 -37.99 16.08
N GLU C 6 13.17 -38.55 16.63
CA GLU C 6 12.57 -38.03 17.85
C GLU C 6 13.00 -38.86 19.04
N SER C 7 13.13 -38.20 20.19
CA SER C 7 13.58 -38.87 21.41
C SER C 7 13.03 -38.13 22.61
N GLY C 8 13.13 -38.79 23.77
CA GLY C 8 12.65 -38.22 25.01
C GLY C 8 11.32 -38.75 25.51
N GLY C 9 10.62 -39.53 24.70
CA GLY C 9 9.35 -40.08 25.13
C GLY C 9 9.51 -41.20 26.13
N GLY C 10 8.44 -41.46 26.88
CA GLY C 10 8.44 -42.51 27.87
C GLY C 10 7.20 -42.51 28.73
N VAL C 11 7.38 -42.67 30.04
CA VAL C 11 6.28 -42.65 31.00
C VAL C 11 6.56 -41.56 32.03
N VAL C 12 5.52 -40.81 32.39
CA VAL C 12 5.62 -39.77 33.39
C VAL C 12 4.32 -39.72 34.19
N GLN C 13 4.44 -39.45 35.48
CA GLN C 13 3.24 -39.37 36.30
C GLN C 13 2.53 -38.03 36.06
N PRO C 14 1.20 -38.01 36.23
CA PRO C 14 0.46 -36.76 36.00
C PRO C 14 0.95 -35.63 36.91
N GLY C 15 0.99 -34.43 36.34
CA GLY C 15 1.41 -33.26 37.08
C GLY C 15 2.90 -32.99 37.09
N ARG C 16 3.67 -33.62 36.21
CA ARG C 16 5.11 -33.45 36.16
C ARG C 16 5.51 -32.85 34.80
N SER C 17 6.82 -32.80 34.56
CA SER C 17 7.37 -32.19 33.35
C SER C 17 8.09 -33.24 32.51
N LEU C 18 8.25 -32.91 31.23
CA LEU C 18 8.91 -33.83 30.31
C LEU C 18 9.35 -33.07 29.07
N ARG C 19 10.55 -33.37 28.58
CA ARG C 19 11.11 -32.68 27.41
C ARG C 19 11.31 -33.67 26.27
N LEU C 20 10.90 -33.26 25.08
CA LEU C 20 11.05 -34.04 23.85
C LEU C 20 12.03 -33.34 22.93
N SER C 21 12.80 -34.13 22.17
CA SER C 21 13.82 -33.59 21.27
C SER C 21 13.66 -34.17 19.87
N CYS C 22 13.94 -33.34 18.87
CA CYS C 22 13.95 -33.75 17.47
C CYS C 22 15.29 -33.39 16.87
N ALA C 23 16.05 -34.41 16.46
CA ALA C 23 17.37 -34.23 15.87
C ALA C 23 17.25 -34.38 14.36
N ALA C 24 17.83 -33.42 13.63
CA ALA C 24 17.71 -33.34 12.19
C ALA C 24 19.08 -33.45 11.54
N SER C 25 19.14 -34.14 10.41
CA SER C 25 20.37 -34.25 9.64
C SER C 25 20.05 -34.13 8.16
N GLY C 26 20.90 -33.42 7.43
CA GLY C 26 20.77 -33.31 5.99
C GLY C 26 20.32 -31.97 5.44
N PHE C 27 20.28 -30.93 6.26
CA PHE C 27 19.93 -29.59 5.78
C PHE C 27 20.43 -28.57 6.78
N THR C 28 20.46 -27.31 6.33
CA THR C 28 20.88 -26.20 7.18
C THR C 28 19.77 -25.93 8.18
N PHE C 29 19.87 -26.52 9.37
CA PHE C 29 18.82 -26.43 10.37
C PHE C 29 18.67 -25.02 10.94
N SER C 30 19.64 -24.15 10.73
CA SER C 30 19.66 -22.86 11.42
C SER C 30 18.63 -21.89 10.88
N ASN C 31 18.10 -22.09 9.67
CA ASN C 31 17.25 -21.10 9.04
C ASN C 31 16.05 -21.73 8.34
N TYR C 32 15.39 -22.69 8.98
CA TYR C 32 14.20 -23.30 8.38
C TYR C 32 12.95 -23.17 9.23
N GLY C 33 13.01 -23.50 10.52
CA GLY C 33 11.80 -23.50 11.33
C GLY C 33 11.13 -24.86 11.30
N MET C 34 10.42 -25.20 12.38
CA MET C 34 9.97 -26.58 12.55
C MET C 34 8.57 -26.61 13.15
N HIS C 35 7.95 -27.79 13.09
CA HIS C 35 6.61 -28.03 13.62
C HIS C 35 6.61 -29.26 14.51
N TRP C 36 5.71 -29.26 15.50
CA TRP C 36 5.41 -30.42 16.32
C TRP C 36 3.93 -30.78 16.16
N VAL C 37 3.68 -32.04 15.80
CA VAL C 37 2.35 -32.60 15.64
C VAL C 37 2.29 -33.89 16.46
N ARG C 38 1.09 -34.28 16.87
CA ARG C 38 0.92 -35.47 17.67
C ARG C 38 -0.35 -36.22 17.26
N GLN C 39 -0.37 -37.51 17.56
CA GLN C 39 -1.47 -38.40 17.22
C GLN C 39 -1.81 -39.26 18.43
N ALA C 40 -3.05 -39.17 18.89
CA ALA C 40 -3.50 -39.99 20.00
C ALA C 40 -3.65 -41.44 19.57
N PRO C 41 -3.56 -42.39 20.50
CA PRO C 41 -3.72 -43.80 20.13
C PRO C 41 -5.12 -44.09 19.63
N GLY C 42 -5.23 -44.44 18.35
CA GLY C 42 -6.51 -44.70 17.74
C GLY C 42 -7.26 -43.48 17.27
N LYS C 43 -6.61 -42.32 17.19
CA LYS C 43 -7.25 -41.09 16.75
C LYS C 43 -6.41 -40.46 15.65
N GLY C 44 -6.85 -39.29 15.18
CA GLY C 44 -6.20 -38.61 14.08
C GLY C 44 -5.06 -37.72 14.51
N LEU C 45 -4.49 -37.03 13.53
CA LEU C 45 -3.38 -36.12 13.78
C LEU C 45 -3.88 -34.85 14.44
N GLU C 46 -2.99 -34.21 15.21
CA GLU C 46 -3.34 -32.96 15.90
C GLU C 46 -2.09 -32.09 15.97
N TRP C 47 -2.15 -30.93 15.32
CA TRP C 47 -1.04 -30.00 15.32
C TRP C 47 -0.85 -29.37 16.70
N VAL C 48 0.39 -29.24 17.12
CA VAL C 48 0.73 -28.78 18.47
C VAL C 48 1.42 -27.42 18.45
N ALA C 49 2.56 -27.31 17.77
CA ALA C 49 3.31 -26.06 17.86
C ALA C 49 4.13 -25.81 16.61
N VAL C 50 4.55 -24.55 16.42
CA VAL C 50 5.41 -24.16 15.32
C VAL C 50 6.39 -23.10 15.80
N ILE C 51 7.61 -23.15 15.28
CA ILE C 51 8.63 -22.15 15.60
C ILE C 51 9.35 -21.76 14.32
N SER C 52 9.73 -20.48 14.23
CA SER C 52 10.31 -19.89 13.04
C SER C 52 11.78 -20.26 12.93
N HIS C 53 12.51 -19.57 12.04
CA HIS C 53 13.87 -19.98 11.73
C HIS C 53 14.86 -19.51 12.79
N ASP C 54 14.87 -18.21 13.09
CA ASP C 54 15.80 -17.69 14.09
C ASP C 54 15.48 -18.26 15.47
N ALA C 55 14.32 -17.89 16.03
CA ALA C 55 13.71 -18.35 17.27
C ALA C 55 12.92 -17.24 17.93
N SER C 56 12.24 -16.40 17.13
CA SER C 56 11.57 -15.23 17.67
C SER C 56 10.06 -15.25 17.51
N ASN C 57 9.51 -16.07 16.62
CA ASN C 57 8.07 -16.24 16.48
C ASN C 57 7.71 -17.66 16.87
N LYS C 58 6.88 -17.80 17.91
CA LYS C 58 6.43 -19.09 18.41
C LYS C 58 4.91 -19.10 18.41
N TYR C 59 4.31 -20.17 17.88
CA TYR C 59 2.87 -20.28 17.89
C TYR C 59 2.45 -21.64 18.43
N TYR C 60 1.39 -21.64 19.23
CA TYR C 60 0.93 -22.81 19.98
C TYR C 60 -0.53 -23.07 19.67
N ALA C 61 -0.99 -24.24 20.08
CA ALA C 61 -2.40 -24.58 20.03
C ALA C 61 -3.09 -24.15 21.33
N ASP C 62 -4.39 -23.87 21.21
CA ASP C 62 -5.14 -23.40 22.38
C ASP C 62 -5.20 -24.49 23.45
N SER C 63 -5.36 -25.75 23.04
CA SER C 63 -5.47 -26.84 24.01
C SER C 63 -4.17 -27.10 24.75
N VAL C 64 -3.04 -26.56 24.30
CA VAL C 64 -1.77 -26.77 24.97
C VAL C 64 -1.17 -25.42 25.35
N LYS C 65 -2.03 -24.42 25.49
CA LYS C 65 -1.57 -23.07 25.81
C LYS C 65 -1.35 -22.94 27.31
N GLY C 66 -0.21 -22.36 27.68
CA GLY C 66 0.14 -22.19 29.07
C GLY C 66 0.87 -23.35 29.71
N ARG C 67 1.18 -24.41 28.97
CA ARG C 67 1.88 -25.54 29.55
C ARG C 67 3.03 -26.04 28.66
N PHE C 68 2.99 -25.72 27.37
CA PHE C 68 4.00 -26.19 26.43
C PHE C 68 4.88 -25.05 25.97
N THR C 69 6.15 -25.35 25.72
CA THR C 69 7.12 -24.34 25.29
C THR C 69 8.01 -24.93 24.21
N ILE C 70 8.12 -24.22 23.08
CA ILE C 70 8.92 -24.67 21.94
C ILE C 70 10.21 -23.88 21.90
N SER C 71 11.32 -24.56 21.63
CA SER C 71 12.63 -23.90 21.59
C SER C 71 13.48 -24.51 20.49
N ARG C 72 14.44 -23.72 20.01
CA ARG C 72 15.38 -24.16 18.99
C ARG C 72 16.78 -24.23 19.56
N ASP C 73 17.63 -24.98 18.88
CA ASP C 73 19.04 -25.14 19.25
C ASP C 73 19.91 -25.02 18.00
N ASN C 74 19.70 -23.95 17.23
CA ASN C 74 20.39 -23.81 15.96
C ASN C 74 21.89 -23.79 16.16
N SER C 75 22.54 -24.89 15.78
CA SER C 75 23.93 -25.25 16.05
C SER C 75 23.99 -26.76 16.27
N LYS C 76 23.18 -27.24 17.22
CA LYS C 76 23.12 -28.66 17.56
C LYS C 76 22.19 -29.44 16.65
N ASN C 77 21.53 -28.79 15.69
CA ASN C 77 20.61 -29.44 14.76
C ASN C 77 19.48 -30.15 15.51
N THR C 78 18.99 -29.51 16.58
CA THR C 78 17.94 -30.10 17.41
C THR C 78 16.90 -29.04 17.72
N GLN C 79 15.65 -29.50 17.84
CA GLN C 79 14.53 -28.66 18.27
C GLN C 79 13.86 -29.32 19.46
N TYR C 80 13.54 -28.52 20.48
CA TYR C 80 13.10 -29.05 21.77
C TYR C 80 11.70 -28.58 22.10
N LEU C 81 10.96 -29.42 22.82
CA LEU C 81 9.64 -29.09 23.32
C LEU C 81 9.58 -29.44 24.81
N GLN C 82 9.05 -28.54 25.61
CA GLN C 82 8.90 -28.73 27.05
C GLN C 82 7.42 -28.81 27.39
N MET C 83 7.04 -29.85 28.14
CA MET C 83 5.66 -30.13 28.49
C MET C 83 5.52 -30.11 30.00
N ASN C 84 4.53 -29.36 30.49
CA ASN C 84 4.31 -29.17 31.92
C ASN C 84 2.83 -29.39 32.24
N SER C 85 2.57 -29.73 33.51
CA SER C 85 1.21 -29.89 34.02
C SER C 85 0.42 -30.89 33.18
N LEU C 86 1.07 -32.02 32.87
CA LEU C 86 0.46 -33.02 32.00
C LEU C 86 -0.77 -33.64 32.65
N ARG C 87 -1.80 -33.85 31.83
CA ARG C 87 -3.07 -34.38 32.27
C ARG C 87 -3.37 -35.71 31.58
N ALA C 88 -4.59 -36.21 31.77
CA ALA C 88 -4.90 -37.59 31.42
C ALA C 88 -4.79 -37.85 29.93
N GLU C 89 -5.36 -36.99 29.10
CA GLU C 89 -5.51 -37.28 27.67
C GLU C 89 -4.35 -36.73 26.83
N ASP C 90 -3.14 -36.67 27.39
CA ASP C 90 -1.97 -36.22 26.67
C ASP C 90 -1.09 -37.37 26.18
N THR C 91 -1.60 -38.61 26.23
CA THR C 91 -0.86 -39.76 25.74
C THR C 91 -0.94 -39.82 24.23
N ALA C 92 0.21 -39.83 23.55
CA ALA C 92 0.20 -39.77 22.09
C ALA C 92 1.59 -40.08 21.55
N VAL C 93 1.64 -40.26 20.23
CA VAL C 93 2.89 -40.35 19.48
C VAL C 93 3.17 -39.00 18.85
N TYR C 94 4.38 -38.48 19.05
CA TYR C 94 4.76 -37.14 18.64
C TYR C 94 5.70 -37.21 17.45
N TYR C 95 5.38 -36.46 16.40
CA TYR C 95 6.22 -36.30 15.22
C TYR C 95 6.70 -34.86 15.12
N CYS C 96 7.94 -34.68 14.67
CA CYS C 96 8.49 -33.38 14.35
C CYS C 96 8.60 -33.28 12.83
N ALA C 97 8.17 -32.15 12.29
CA ALA C 97 8.06 -31.98 10.85
C ALA C 97 8.84 -30.75 10.39
N LYS C 98 9.48 -30.89 9.23
CA LYS C 98 10.22 -29.79 8.63
C LYS C 98 9.27 -28.77 8.02
N GLY C 99 9.60 -27.50 8.19
CA GLY C 99 8.81 -26.40 7.67
C GLY C 99 9.47 -25.70 6.51
N GLY C 100 8.90 -24.56 6.16
CA GLY C 100 9.43 -23.74 5.07
C GLY C 100 10.45 -22.74 5.57
N GLY C 101 11.44 -22.47 4.73
CA GLY C 101 12.58 -21.68 5.17
C GLY C 101 12.17 -20.29 5.62
N TYR C 102 12.98 -19.74 6.53
CA TYR C 102 12.81 -18.39 7.08
C TYR C 102 11.50 -18.39 7.89
N SER C 103 10.76 -17.29 7.91
CA SER C 103 9.60 -17.15 8.78
C SER C 103 8.30 -17.58 8.12
N TYR C 104 8.37 -18.52 7.18
CA TYR C 104 7.18 -19.05 6.53
C TYR C 104 6.72 -20.24 7.37
N VAL C 105 5.86 -19.96 8.35
CA VAL C 105 5.54 -20.92 9.39
C VAL C 105 4.33 -21.76 9.01
N VAL C 106 3.83 -21.59 7.79
CA VAL C 106 2.68 -22.34 7.31
C VAL C 106 3.08 -23.38 6.27
N ASP C 107 4.32 -23.85 6.31
CA ASP C 107 4.80 -24.85 5.38
C ASP C 107 5.18 -26.13 6.12
N MET C 108 4.85 -27.27 5.51
CA MET C 108 5.16 -28.60 6.02
C MET C 108 4.91 -29.57 4.87
N GLY C 109 5.20 -30.86 5.07
CA GLY C 109 5.01 -31.82 4.02
C GLY C 109 5.97 -32.99 4.06
N PRO C 110 6.75 -33.17 3.01
CA PRO C 110 7.40 -34.47 2.75
C PRO C 110 8.68 -34.75 3.53
N TYR C 111 8.67 -34.46 4.83
CA TYR C 111 9.79 -34.81 5.68
C TYR C 111 9.27 -34.93 7.12
N TRP C 112 9.07 -36.17 7.57
CA TRP C 112 8.58 -36.44 8.91
C TRP C 112 9.55 -37.36 9.64
N GLY C 113 9.51 -37.31 10.97
CA GLY C 113 10.23 -38.25 11.80
C GLY C 113 9.45 -39.54 11.98
N GLN C 114 10.07 -40.47 12.71
CA GLN C 114 9.42 -41.74 13.00
C GLN C 114 8.52 -41.68 14.23
N GLY C 115 8.65 -40.65 15.05
CA GLY C 115 7.74 -40.45 16.17
C GLY C 115 8.26 -41.05 17.46
N THR C 116 7.89 -40.41 18.57
CA THR C 116 8.22 -40.91 19.90
C THR C 116 6.96 -40.91 20.76
N LEU C 117 6.82 -41.91 21.60
CA LEU C 117 5.56 -42.20 22.26
C LEU C 117 5.59 -41.82 23.74
N VAL C 118 4.56 -41.10 24.19
CA VAL C 118 4.51 -40.53 25.53
C VAL C 118 3.18 -40.91 26.17
N THR C 119 3.24 -41.39 27.42
CA THR C 119 2.05 -41.73 28.18
C THR C 119 2.05 -41.00 29.51
N VAL C 120 0.84 -40.77 30.05
CA VAL C 120 0.65 -40.10 31.33
C VAL C 120 -0.32 -40.95 32.14
N SER C 121 0.21 -41.81 33.00
CA SER C 121 -0.61 -42.66 33.85
C SER C 121 0.09 -42.85 35.19
N SER C 122 -0.70 -43.21 36.20
CA SER C 122 -0.19 -43.37 37.56
C SER C 122 0.39 -44.76 37.81
N ALA C 123 0.27 -45.69 36.87
CA ALA C 123 0.79 -47.03 37.05
C ALA C 123 2.30 -47.03 36.94
N SER C 124 2.90 -48.18 37.22
CA SER C 124 4.35 -48.35 37.24
C SER C 124 4.77 -49.38 36.19
N THR C 125 6.08 -49.54 36.03
CA THR C 125 6.61 -50.45 35.03
C THR C 125 6.35 -51.91 35.45
N LYS C 126 6.64 -52.82 34.53
CA LYS C 126 6.43 -54.24 34.74
C LYS C 126 7.34 -55.00 33.78
N GLY C 127 7.48 -56.30 33.99
CA GLY C 127 8.30 -57.14 33.13
C GLY C 127 7.46 -58.12 32.34
N PRO C 128 7.71 -58.19 31.03
CA PRO C 128 6.91 -59.05 30.15
C PRO C 128 7.33 -60.50 30.27
N SER C 129 6.39 -61.37 30.63
CA SER C 129 6.63 -62.80 30.73
C SER C 129 6.39 -63.45 29.37
N VAL C 130 7.34 -64.25 28.92
CA VAL C 130 7.32 -64.87 27.59
C VAL C 130 7.15 -66.37 27.74
N PHE C 131 6.24 -66.95 26.97
CA PHE C 131 5.97 -68.37 26.99
C PHE C 131 5.87 -68.89 25.55
N PRO C 132 6.17 -70.17 25.33
CA PRO C 132 6.11 -70.72 23.98
C PRO C 132 4.75 -71.34 23.67
N LEU C 133 4.49 -71.50 22.37
CA LEU C 133 3.28 -72.16 21.88
C LEU C 133 3.67 -72.96 20.66
N ALA C 134 3.64 -74.29 20.78
CA ALA C 134 4.01 -75.17 19.68
C ALA C 134 2.82 -76.02 19.23
N ALA C 145 2.24 -76.19 9.60
CA ALA C 145 1.66 -75.86 10.90
C ALA C 145 2.03 -74.44 11.30
N ALA C 146 1.76 -74.10 12.57
CA ALA C 146 2.06 -72.78 13.08
C ALA C 146 2.58 -72.91 14.51
N LEU C 147 3.44 -71.96 14.89
CA LEU C 147 3.94 -71.88 16.25
C LEU C 147 4.05 -70.41 16.62
N GLY C 148 4.47 -70.13 17.85
CA GLY C 148 4.61 -68.74 18.24
C GLY C 148 4.95 -68.57 19.70
N CYS C 149 4.86 -67.31 20.13
CA CYS C 149 5.22 -66.90 21.48
C CYS C 149 4.10 -66.03 22.05
N LEU C 150 3.82 -66.21 23.34
CA LEU C 150 2.82 -65.42 24.06
C LEU C 150 3.54 -64.56 25.07
N VAL C 151 3.31 -63.24 24.99
CA VAL C 151 3.88 -62.29 25.93
C VAL C 151 2.76 -61.72 26.78
N LYS C 152 2.93 -61.75 28.10
CA LYS C 152 1.87 -61.39 29.02
C LYS C 152 2.41 -60.53 30.14
N ASP C 153 1.51 -59.72 30.72
CA ASP C 153 1.77 -58.97 31.95
C ASP C 153 2.92 -57.97 31.79
N TYR C 154 2.70 -56.98 30.92
CA TYR C 154 3.61 -55.85 30.77
C TYR C 154 2.78 -54.59 30.59
N PHE C 155 2.91 -53.64 31.51
CA PHE C 155 2.11 -52.43 31.42
C PHE C 155 2.63 -51.37 30.44
N PRO C 156 3.84 -50.82 30.65
CA PRO C 156 4.08 -49.43 30.22
C PRO C 156 3.89 -49.13 28.75
N GLU C 157 4.69 -49.73 27.86
CA GLU C 157 4.72 -49.32 26.46
C GLU C 157 5.17 -50.48 25.58
N PRO C 158 5.04 -50.41 24.25
CA PRO C 158 4.98 -51.64 23.47
C PRO C 158 6.33 -52.34 23.34
N VAL C 159 6.25 -53.64 23.06
CA VAL C 159 7.41 -54.51 22.96
C VAL C 159 7.55 -54.95 21.51
N THR C 160 8.79 -55.08 21.07
CA THR C 160 9.08 -55.56 19.72
C THR C 160 9.32 -57.06 19.74
N VAL C 161 8.77 -57.74 18.73
CA VAL C 161 8.89 -59.18 18.61
C VAL C 161 9.52 -59.50 17.26
N SER C 162 10.57 -60.33 17.28
CA SER C 162 11.27 -60.72 16.07
C SER C 162 11.42 -62.24 16.05
N TRP C 163 11.54 -62.80 14.85
CA TRP C 163 11.66 -64.23 14.65
C TRP C 163 13.07 -64.55 14.16
N ASN C 164 13.83 -65.27 14.99
CA ASN C 164 15.19 -65.71 14.66
C ASN C 164 16.06 -64.52 14.25
N SER C 165 16.07 -63.49 15.11
CA SER C 165 16.85 -62.28 14.88
C SER C 165 16.50 -61.62 13.55
N GLY C 166 15.23 -61.67 13.15
CA GLY C 166 14.78 -61.06 11.93
C GLY C 166 15.02 -61.86 10.68
N ALA C 167 15.60 -63.05 10.79
CA ALA C 167 15.85 -63.86 9.60
C ALA C 167 14.56 -64.31 8.94
N LEU C 168 13.56 -64.67 9.73
CA LEU C 168 12.26 -65.11 9.22
C LEU C 168 11.42 -63.87 8.91
N THR C 169 10.96 -63.76 7.66
CA THR C 169 10.14 -62.63 7.25
C THR C 169 8.81 -63.02 6.63
N SER C 170 8.61 -64.29 6.28
CA SER C 170 7.38 -64.74 5.65
C SER C 170 6.52 -65.50 6.65
N GLY C 171 5.21 -65.29 6.58
CA GLY C 171 4.30 -65.97 7.47
C GLY C 171 4.31 -65.50 8.91
N VAL C 172 4.78 -64.28 9.16
CA VAL C 172 4.89 -63.74 10.50
C VAL C 172 3.70 -62.82 10.77
N HIS C 173 2.98 -63.08 11.86
CA HIS C 173 1.86 -62.26 12.28
C HIS C 173 2.12 -61.75 13.69
N THR C 174 2.16 -60.44 13.85
CA THR C 174 2.36 -59.79 15.14
C THR C 174 1.04 -59.15 15.54
N PHE C 175 0.30 -59.81 16.42
CA PHE C 175 -1.02 -59.34 16.79
C PHE C 175 -0.93 -58.14 17.72
N PRO C 176 -1.89 -57.21 17.62
CA PRO C 176 -1.85 -56.03 18.49
C PRO C 176 -2.10 -56.39 19.94
N ALA C 177 -1.58 -55.54 20.83
CA ALA C 177 -1.73 -55.76 22.25
C ALA C 177 -3.14 -55.44 22.71
N VAL C 178 -3.56 -56.12 23.79
CA VAL C 178 -4.86 -55.91 24.39
C VAL C 178 -4.67 -55.63 25.88
N LEU C 179 -5.60 -54.86 26.44
CA LEU C 179 -5.49 -54.38 27.81
C LEU C 179 -6.13 -55.38 28.76
N GLN C 180 -5.30 -56.03 29.58
CA GLN C 180 -5.81 -56.87 30.66
C GLN C 180 -6.35 -56.00 31.78
N SER C 181 -7.57 -56.31 32.22
CA SER C 181 -8.28 -55.48 33.18
C SER C 181 -7.56 -55.36 34.51
N SER C 182 -6.62 -56.27 34.80
CA SER C 182 -5.76 -56.09 35.96
C SER C 182 -4.92 -54.84 35.85
N GLY C 183 -4.77 -54.30 34.65
CA GLY C 183 -4.01 -53.08 34.45
C GLY C 183 -2.77 -53.30 33.62
N LEU C 184 -2.82 -54.27 32.71
CA LEU C 184 -1.61 -54.65 31.98
C LEU C 184 -1.89 -54.82 30.49
N TYR C 185 -0.93 -55.35 29.74
CA TYR C 185 -1.10 -55.61 28.33
C TYR C 185 -0.62 -57.01 27.98
N SER C 186 -1.27 -57.62 27.00
CA SER C 186 -0.93 -58.96 26.54
C SER C 186 -0.98 -59.02 25.03
N LEU C 187 -0.09 -59.81 24.43
CA LEU C 187 -0.05 -59.99 22.99
C LEU C 187 0.52 -61.37 22.66
N SER C 188 0.23 -61.83 21.46
CA SER C 188 0.72 -63.12 20.96
C SER C 188 1.22 -62.95 19.54
N SER C 189 2.36 -63.57 19.23
CA SER C 189 2.95 -63.52 17.90
C SER C 189 3.07 -64.93 17.34
N VAL C 190 2.82 -65.06 16.03
CA VAL C 190 2.74 -66.36 15.39
C VAL C 190 3.62 -66.36 14.14
N VAL C 191 4.17 -67.52 13.82
CA VAL C 191 4.86 -67.76 12.56
C VAL C 191 4.40 -69.11 12.01
N THR C 192 4.21 -69.17 10.69
CA THR C 192 3.67 -70.34 10.01
C THR C 192 4.78 -71.05 9.25
N VAL C 193 4.89 -72.36 9.47
CA VAL C 193 5.85 -73.19 8.74
C VAL C 193 5.06 -74.06 7.78
N PRO C 194 5.62 -74.47 6.64
CA PRO C 194 4.87 -75.30 5.70
C PRO C 194 4.51 -76.65 6.31
N SER C 195 3.31 -77.12 5.96
CA SER C 195 2.83 -78.39 6.51
C SER C 195 3.64 -79.57 5.97
N SER C 196 4.21 -79.43 4.76
CA SER C 196 4.98 -80.53 4.18
C SER C 196 6.22 -80.84 5.02
N SER C 197 6.90 -79.81 5.50
CA SER C 197 8.13 -79.97 6.28
C SER C 197 7.80 -79.88 7.76
N LEU C 198 8.16 -80.92 8.51
CA LEU C 198 7.95 -80.94 9.94
C LEU C 198 9.06 -80.16 10.63
N GLY C 199 9.15 -80.28 11.96
CA GLY C 199 10.17 -79.58 12.72
C GLY C 199 11.58 -79.96 12.33
N THR C 200 12.27 -79.04 11.65
CA THR C 200 13.63 -79.28 11.20
C THR C 200 14.62 -78.19 11.59
N GLN C 201 14.18 -76.95 11.81
CA GLN C 201 15.05 -75.85 12.17
C GLN C 201 14.63 -75.26 13.50
N THR C 202 15.61 -74.83 14.29
CA THR C 202 15.33 -74.24 15.60
C THR C 202 14.71 -72.87 15.43
N TYR C 203 13.60 -72.62 16.12
CA TYR C 203 12.89 -71.36 16.07
C TYR C 203 13.00 -70.65 17.41
N ILE C 204 13.47 -69.40 17.38
CA ILE C 204 13.63 -68.59 18.57
C ILE C 204 13.00 -67.23 18.32
N CYS C 205 12.14 -66.81 19.25
CA CYS C 205 11.53 -65.49 19.19
C CYS C 205 12.21 -64.56 20.18
N ASN C 206 12.49 -63.34 19.73
CA ASN C 206 13.17 -62.32 20.52
C ASN C 206 12.16 -61.25 20.89
N VAL C 207 12.04 -60.97 22.19
CA VAL C 207 11.12 -59.97 22.71
C VAL C 207 11.95 -58.89 23.38
N ASN C 208 11.79 -57.65 22.92
CA ASN C 208 12.53 -56.50 23.45
C ASN C 208 11.54 -55.50 24.03
N HIS C 209 11.82 -55.02 25.24
CA HIS C 209 10.96 -54.07 25.95
C HIS C 209 11.85 -52.93 26.41
N LYS C 210 11.93 -51.88 25.59
CA LYS C 210 12.77 -50.73 25.92
C LYS C 210 12.36 -50.02 27.21
N PRO C 211 11.07 -49.74 27.47
CA PRO C 211 10.73 -49.01 28.70
C PRO C 211 11.25 -49.64 29.98
N SER C 212 11.22 -50.97 30.08
CA SER C 212 11.78 -51.66 31.23
C SER C 212 13.11 -52.32 30.92
N ASN C 213 13.61 -52.18 29.70
CA ASN C 213 14.89 -52.76 29.28
C ASN C 213 14.94 -54.26 29.56
N THR C 214 13.96 -54.97 29.00
CA THR C 214 13.83 -56.41 29.18
C THR C 214 14.02 -57.09 27.83
N LYS C 215 15.08 -57.88 27.70
CA LYS C 215 15.37 -58.62 26.48
C LYS C 215 15.26 -60.11 26.79
N VAL C 216 14.42 -60.82 26.03
CA VAL C 216 14.14 -62.23 26.27
C VAL C 216 14.25 -62.99 24.95
N ASP C 217 14.88 -64.15 25.00
CA ASP C 217 14.94 -65.07 23.87
C ASP C 217 14.24 -66.36 24.28
N LYS C 218 13.21 -66.75 23.53
CA LYS C 218 12.42 -67.92 23.87
C LYS C 218 12.40 -68.87 22.68
N ARG C 219 12.82 -70.12 22.90
CA ARG C 219 12.83 -71.13 21.86
C ARG C 219 11.49 -71.87 21.85
N VAL C 220 10.99 -72.13 20.65
CA VAL C 220 9.74 -72.85 20.45
C VAL C 220 10.04 -74.13 19.69
N GLU C 221 9.60 -75.27 20.23
CA GLU C 221 9.83 -76.55 19.60
C GLU C 221 8.74 -77.55 19.99
N ASP D 1 -11.34 -21.03 14.25
CA ASP D 1 -10.20 -21.52 13.49
C ASP D 1 -10.63 -22.03 12.12
N ILE D 2 -10.01 -23.12 11.67
CA ILE D 2 -10.30 -23.70 10.37
C ILE D 2 -10.74 -25.15 10.60
N GLN D 3 -11.90 -25.50 10.08
CA GLN D 3 -12.49 -26.82 10.27
C GLN D 3 -12.64 -27.51 8.93
N MET D 4 -12.20 -28.76 8.84
CA MET D 4 -12.22 -29.52 7.60
C MET D 4 -12.72 -30.93 7.86
N THR D 5 -13.55 -31.44 6.95
CA THR D 5 -14.23 -32.71 7.13
C THR D 5 -13.87 -33.67 6.00
N GLN D 6 -13.54 -34.90 6.37
CA GLN D 6 -13.24 -35.96 5.40
C GLN D 6 -14.42 -36.91 5.29
N SER D 7 -14.72 -37.32 4.05
CA SER D 7 -15.82 -38.23 3.78
C SER D 7 -15.53 -38.97 2.49
N PRO D 8 -15.77 -40.29 2.43
CA PRO D 8 -16.31 -41.11 3.53
C PRO D 8 -15.27 -41.50 4.57
N SER D 9 -15.74 -41.80 5.79
CA SER D 9 -14.83 -42.24 6.85
C SER D 9 -14.29 -43.65 6.61
N SER D 10 -15.00 -44.46 5.83
CA SER D 10 -14.55 -45.81 5.51
C SER D 10 -15.01 -46.16 4.11
N LEU D 11 -14.15 -46.82 3.35
CA LEU D 11 -14.44 -47.17 1.97
C LEU D 11 -13.85 -48.55 1.66
N SER D 12 -14.58 -49.33 0.87
CA SER D 12 -14.13 -50.64 0.43
C SER D 12 -14.25 -50.73 -1.09
N ALA D 13 -13.23 -51.29 -1.73
CA ALA D 13 -13.21 -51.40 -3.18
C ALA D 13 -12.50 -52.68 -3.59
N SER D 14 -12.80 -53.15 -4.79
CA SER D 14 -12.17 -54.35 -5.33
C SER D 14 -10.83 -53.97 -5.94
N VAL D 15 -10.12 -54.96 -6.47
CA VAL D 15 -8.77 -54.72 -6.97
C VAL D 15 -8.78 -53.86 -8.23
N GLY D 16 -9.82 -53.98 -9.04
CA GLY D 16 -9.85 -53.25 -10.31
C GLY D 16 -10.84 -52.11 -10.36
N ASP D 17 -10.94 -51.33 -9.29
CA ASP D 17 -11.90 -50.23 -9.21
C ASP D 17 -11.17 -48.89 -9.06
N ARG D 18 -11.95 -47.83 -8.96
CA ARG D 18 -11.46 -46.47 -8.80
C ARG D 18 -12.03 -45.89 -7.52
N VAL D 19 -11.18 -45.21 -6.74
CA VAL D 19 -11.53 -44.70 -5.43
C VAL D 19 -11.36 -43.19 -5.42
N THR D 20 -12.36 -42.48 -4.91
CA THR D 20 -12.32 -41.01 -4.83
C THR D 20 -12.65 -40.59 -3.41
N ILE D 21 -11.86 -39.64 -2.89
CA ILE D 21 -12.03 -39.10 -1.54
C ILE D 21 -12.30 -37.61 -1.65
N THR D 22 -13.05 -37.08 -0.70
CA THR D 22 -13.41 -35.67 -0.68
C THR D 22 -12.97 -35.03 0.63
N CYS D 23 -12.55 -33.77 0.55
CA CYS D 23 -12.14 -33.01 1.72
C CYS D 23 -12.64 -31.58 1.58
N ARG D 24 -13.36 -31.10 2.59
CA ARG D 24 -13.98 -29.78 2.57
C ARG D 24 -13.20 -28.82 3.45
N ALA D 25 -13.64 -27.56 3.44
CA ALA D 25 -13.02 -26.52 4.25
C ALA D 25 -14.07 -25.48 4.60
N SER D 26 -13.79 -24.70 5.65
CA SER D 26 -14.72 -23.71 6.16
C SER D 26 -14.44 -22.31 5.60
N GLN D 27 -13.48 -22.17 4.70
CA GLN D 27 -13.17 -20.89 4.07
C GLN D 27 -12.35 -21.21 2.82
N SER D 28 -11.99 -20.16 2.07
CA SER D 28 -11.19 -20.32 0.87
C SER D 28 -9.72 -20.47 1.26
N ILE D 29 -9.11 -21.57 0.83
CA ILE D 29 -7.70 -21.86 1.11
C ILE D 29 -6.85 -21.90 -0.14
N SER D 30 -7.43 -21.68 -1.31
CA SER D 30 -6.72 -21.64 -2.60
C SER D 30 -6.04 -23.00 -2.81
N ASN D 31 -4.83 -23.04 -3.37
CA ASN D 31 -4.13 -24.29 -3.63
C ASN D 31 -3.16 -24.62 -2.49
N TYR D 32 -3.71 -24.77 -1.29
CA TYR D 32 -2.92 -24.96 -0.07
C TYR D 32 -3.40 -26.19 0.69
N LEU D 33 -3.58 -27.30 -0.01
CA LEU D 33 -4.02 -28.55 0.60
C LEU D 33 -3.10 -29.67 0.15
N ASN D 34 -2.79 -30.58 1.07
CA ASN D 34 -1.96 -31.73 0.75
C ASN D 34 -2.52 -33.00 1.38
N TRP D 35 -2.22 -34.13 0.72
CA TRP D 35 -2.74 -35.43 1.10
C TRP D 35 -1.61 -36.34 1.59
N TYR D 36 -1.91 -37.15 2.60
CA TYR D 36 -0.95 -38.05 3.21
C TYR D 36 -1.50 -39.47 3.24
N GLN D 37 -0.60 -40.45 3.08
CA GLN D 37 -0.91 -41.86 3.24
C GLN D 37 -0.19 -42.40 4.47
N GLN D 38 -0.91 -43.16 5.29
CA GLN D 38 -0.35 -43.69 6.53
C GLN D 38 -0.72 -45.16 6.68
N LYS D 39 0.28 -46.03 6.55
CA LYS D 39 0.14 -47.43 6.91
C LYS D 39 0.17 -47.58 8.42
N PRO D 40 -0.38 -48.67 8.95
CA PRO D 40 -0.43 -48.84 10.41
C PRO D 40 0.97 -48.91 11.01
N GLY D 41 1.24 -48.01 11.95
CA GLY D 41 2.53 -47.97 12.61
C GLY D 41 3.63 -47.24 11.88
N LYS D 42 3.29 -46.45 10.86
CA LYS D 42 4.28 -45.73 10.07
C LYS D 42 3.90 -44.25 9.99
N ALA D 43 4.90 -43.42 9.74
CA ALA D 43 4.67 -42.00 9.58
C ALA D 43 3.95 -41.72 8.26
N PRO D 44 3.18 -40.64 8.19
CA PRO D 44 2.49 -40.31 6.94
C PRO D 44 3.47 -39.98 5.82
N LYS D 45 3.06 -40.28 4.60
CA LYS D 45 3.86 -40.06 3.40
C LYS D 45 3.10 -39.13 2.46
N LEU D 46 3.77 -38.08 2.01
CA LEU D 46 3.12 -37.09 1.15
C LEU D 46 2.93 -37.65 -0.25
N LEU D 47 1.68 -37.61 -0.74
CA LEU D 47 1.36 -38.09 -2.07
C LEU D 47 1.06 -36.93 -3.03
N ILE D 48 0.12 -36.06 -2.67
CA ILE D 48 -0.29 -34.94 -3.49
C ILE D 48 -0.07 -33.66 -2.70
N TYR D 49 0.62 -32.70 -3.32
CA TYR D 49 0.90 -31.42 -2.69
C TYR D 49 0.36 -30.29 -3.57
N ASP D 50 0.05 -29.18 -2.92
CA ASP D 50 -0.37 -27.96 -3.60
C ASP D 50 -1.57 -28.19 -4.50
N ALA D 51 -2.56 -28.92 -3.99
CA ALA D 51 -3.87 -29.03 -4.64
C ALA D 51 -3.73 -29.59 -6.06
N SER D 52 -3.50 -30.91 -6.11
CA SER D 52 -3.29 -31.67 -7.34
C SER D 52 -1.98 -31.38 -8.05
N ASN D 53 -0.87 -31.70 -7.37
CA ASN D 53 0.42 -31.88 -8.02
C ASN D 53 1.04 -33.18 -7.53
N LEU D 54 1.70 -33.88 -8.44
CA LEU D 54 2.34 -35.15 -8.15
C LEU D 54 3.76 -34.93 -7.65
N GLU D 55 4.23 -35.86 -6.82
CA GLU D 55 5.56 -35.80 -6.25
C GLU D 55 6.45 -36.87 -6.88
N THR D 56 7.68 -36.97 -6.42
CA THR D 56 8.64 -37.94 -6.92
C THR D 56 8.42 -39.29 -6.25
N GLY D 57 8.63 -40.35 -7.02
CA GLY D 57 8.47 -41.70 -6.49
C GLY D 57 7.04 -42.06 -6.15
N VAL D 58 6.08 -41.68 -6.98
CA VAL D 58 4.68 -42.03 -6.77
C VAL D 58 4.13 -42.54 -8.10
N PRO D 59 3.28 -43.56 -8.10
CA PRO D 59 2.64 -43.98 -9.36
C PRO D 59 1.72 -42.92 -9.91
N SER D 60 1.58 -42.91 -11.23
CA SER D 60 0.77 -41.92 -11.94
C SER D 60 -0.72 -42.11 -11.69
N ARG D 61 -1.13 -43.21 -11.07
CA ARG D 61 -2.55 -43.44 -10.80
C ARG D 61 -3.11 -42.51 -9.74
N PHE D 62 -2.26 -41.90 -8.92
CA PHE D 62 -2.70 -40.98 -7.87
C PHE D 62 -2.83 -39.59 -8.50
N SER D 63 -4.02 -39.01 -8.40
CA SER D 63 -4.27 -37.69 -8.97
C SER D 63 -5.26 -36.91 -8.13
N GLY D 64 -4.96 -35.64 -7.87
CA GLY D 64 -5.85 -34.76 -7.16
C GLY D 64 -6.59 -33.81 -8.09
N SER D 65 -7.51 -33.06 -7.51
CA SER D 65 -8.23 -32.02 -8.23
C SER D 65 -9.02 -31.11 -7.30
N GLY D 66 -8.86 -29.81 -7.42
CA GLY D 66 -9.71 -28.91 -6.67
C GLY D 66 -9.09 -27.55 -6.50
N SER D 67 -9.94 -26.59 -6.17
CA SER D 67 -9.53 -25.24 -5.83
C SER D 67 -10.64 -24.60 -5.02
N GLY D 68 -10.27 -23.56 -4.26
CA GLY D 68 -11.26 -22.88 -3.44
C GLY D 68 -11.46 -23.49 -2.08
N ALA D 69 -12.55 -24.25 -1.91
CA ALA D 69 -12.88 -24.87 -0.64
C ALA D 69 -12.92 -26.38 -0.69
N ASP D 70 -13.58 -26.97 -1.69
CA ASP D 70 -13.77 -28.41 -1.78
C ASP D 70 -12.71 -29.03 -2.68
N PHE D 71 -12.13 -30.13 -2.21
CA PHE D 71 -11.04 -30.79 -2.91
C PHE D 71 -11.31 -32.28 -3.02
N THR D 72 -10.75 -32.91 -4.06
CA THR D 72 -10.96 -34.32 -4.36
C THR D 72 -9.63 -35.00 -4.62
N PHE D 73 -9.52 -36.24 -4.15
CA PHE D 73 -8.38 -37.11 -4.37
C PHE D 73 -8.87 -38.35 -5.12
N THR D 74 -8.05 -38.91 -5.99
CA THR D 74 -8.47 -40.02 -6.82
C THR D 74 -7.32 -40.98 -7.05
N ILE D 75 -7.63 -42.27 -7.08
CA ILE D 75 -6.68 -43.32 -7.37
C ILE D 75 -7.07 -43.95 -8.71
N GLY D 76 -6.07 -44.43 -9.44
CA GLY D 76 -6.32 -45.02 -10.73
C GLY D 76 -6.58 -46.51 -10.64
N SER D 77 -5.74 -47.31 -11.27
CA SER D 77 -5.87 -48.77 -11.19
C SER D 77 -5.46 -49.22 -9.79
N LEU D 78 -6.45 -49.66 -9.00
CA LEU D 78 -6.19 -50.06 -7.63
C LEU D 78 -5.27 -51.28 -7.59
N GLN D 79 -4.47 -51.36 -6.53
CA GLN D 79 -3.54 -52.46 -6.35
C GLN D 79 -3.63 -52.99 -4.93
N PRO D 80 -3.20 -54.23 -4.71
CA PRO D 80 -3.23 -54.79 -3.34
C PRO D 80 -2.44 -53.98 -2.33
N GLU D 81 -1.45 -53.20 -2.75
CA GLU D 81 -0.59 -52.48 -1.84
C GLU D 81 -1.14 -51.09 -1.49
N ASP D 82 -2.46 -50.90 -1.56
CA ASP D 82 -3.05 -49.60 -1.28
C ASP D 82 -4.01 -49.65 -0.10
N SER D 83 -3.59 -50.30 0.98
CA SER D 83 -4.39 -50.37 2.21
C SER D 83 -3.71 -49.52 3.27
N ALA D 84 -4.32 -48.39 3.59
CA ALA D 84 -3.77 -47.42 4.54
C ALA D 84 -4.88 -46.43 4.90
N THR D 85 -4.51 -45.36 5.60
CA THR D 85 -5.44 -44.28 5.93
C THR D 85 -4.95 -42.99 5.29
N TYR D 86 -5.87 -42.25 4.68
CA TYR D 86 -5.54 -41.07 3.89
C TYR D 86 -6.06 -39.81 4.58
N TYR D 87 -5.21 -38.79 4.67
CA TYR D 87 -5.51 -37.57 5.39
C TYR D 87 -5.34 -36.36 4.48
N CYS D 88 -6.14 -35.33 4.74
CA CYS D 88 -6.03 -34.04 4.06
C CYS D 88 -5.68 -32.96 5.08
N GLN D 89 -4.75 -32.08 4.71
CA GLN D 89 -4.29 -31.02 5.60
C GLN D 89 -4.19 -29.70 4.85
N GLN D 90 -4.57 -28.61 5.52
CA GLN D 90 -4.44 -27.27 4.98
C GLN D 90 -3.26 -26.56 5.63
N TYR D 91 -2.64 -25.66 4.87
CA TYR D 91 -1.53 -24.86 5.36
C TYR D 91 -1.71 -23.41 4.91
N ASP D 92 -2.92 -22.89 5.08
CA ASP D 92 -3.24 -21.54 4.66
C ASP D 92 -2.95 -20.52 5.75
N ASN D 93 -3.15 -20.89 7.01
CA ASN D 93 -3.12 -19.92 8.11
C ASN D 93 -2.62 -20.65 9.36
N LEU D 94 -2.91 -20.07 10.52
CA LEU D 94 -2.55 -20.54 11.85
C LEU D 94 -3.43 -21.76 12.15
N PRO D 95 -3.44 -22.30 13.39
CA PRO D 95 -3.16 -23.73 13.57
C PRO D 95 -3.63 -24.65 12.46
N LEU D 96 -2.67 -25.37 11.90
CA LEU D 96 -2.94 -26.29 10.80
C LEU D 96 -3.88 -27.40 11.26
N THR D 97 -4.92 -27.65 10.48
CA THR D 97 -5.99 -28.56 10.85
C THR D 97 -6.01 -29.74 9.90
N PHE D 98 -5.98 -30.95 10.46
CA PHE D 98 -6.05 -32.18 9.69
C PHE D 98 -7.51 -32.58 9.48
N GLY D 99 -7.75 -33.80 9.00
CA GLY D 99 -9.07 -34.32 8.83
C GLY D 99 -9.28 -35.58 9.67
N GLY D 100 -10.51 -36.09 9.63
CA GLY D 100 -10.81 -37.29 10.39
C GLY D 100 -10.06 -38.51 9.89
N GLY D 101 -10.03 -38.70 8.57
CA GLY D 101 -9.33 -39.81 7.96
C GLY D 101 -10.28 -40.72 7.20
N THR D 102 -9.68 -41.55 6.35
CA THR D 102 -10.42 -42.52 5.56
C THR D 102 -9.65 -43.84 5.55
N LYS D 103 -10.30 -44.89 6.03
CA LYS D 103 -9.70 -46.22 6.08
C LYS D 103 -10.21 -47.03 4.89
N VAL D 104 -9.29 -47.60 4.13
CA VAL D 104 -9.60 -48.32 2.90
C VAL D 104 -9.33 -49.79 3.11
N GLU D 105 -10.35 -50.62 2.91
CA GLU D 105 -10.24 -52.07 2.99
C GLU D 105 -10.41 -52.65 1.60
N ILE D 106 -9.52 -53.55 1.22
CA ILE D 106 -9.55 -54.18 -0.09
C ILE D 106 -10.32 -55.48 0.02
N LYS D 107 -11.46 -55.56 -0.67
CA LYS D 107 -12.38 -56.69 -0.55
C LYS D 107 -12.09 -57.72 -1.63
N GLY D 108 -11.91 -58.97 -1.21
CA GLY D 108 -11.60 -60.04 -2.12
C GLY D 108 -12.44 -61.28 -1.91
N THR D 109 -12.05 -62.40 -2.53
CA THR D 109 -12.79 -63.64 -2.41
C THR D 109 -12.59 -64.26 -1.04
N VAL D 110 -13.60 -65.01 -0.59
CA VAL D 110 -13.57 -65.60 0.74
C VAL D 110 -12.58 -66.76 0.78
N ALA D 111 -11.80 -66.83 1.86
CA ALA D 111 -10.86 -67.90 2.09
C ALA D 111 -11.31 -68.74 3.29
N ALA D 112 -10.54 -69.78 3.59
CA ALA D 112 -10.86 -70.71 4.66
C ALA D 112 -9.86 -70.59 5.79
N PRO D 113 -10.31 -70.41 7.03
CA PRO D 113 -9.36 -70.29 8.15
C PRO D 113 -8.55 -71.55 8.35
N SER D 114 -7.29 -71.36 8.77
CA SER D 114 -6.44 -72.44 9.21
C SER D 114 -6.31 -72.34 10.74
N VAL D 115 -6.88 -73.31 11.44
CA VAL D 115 -7.00 -73.26 12.90
C VAL D 115 -6.01 -74.25 13.50
N PHE D 116 -5.17 -73.76 14.41
CA PHE D 116 -4.25 -74.61 15.16
C PHE D 116 -4.28 -74.14 16.61
N ILE D 117 -4.80 -74.98 17.50
CA ILE D 117 -4.97 -74.62 18.90
C ILE D 117 -3.70 -75.01 19.66
N PHE D 118 -3.17 -74.08 20.45
CA PHE D 118 -1.96 -74.34 21.21
C PHE D 118 -2.32 -74.66 22.65
N PRO D 119 -1.96 -75.84 23.16
CA PRO D 119 -2.22 -76.13 24.56
C PRO D 119 -1.37 -75.25 25.47
N PRO D 120 -1.88 -74.91 26.65
CA PRO D 120 -1.09 -74.07 27.56
C PRO D 120 0.25 -74.69 27.91
N SER D 121 1.28 -73.86 27.99
CA SER D 121 2.60 -74.32 28.39
C SER D 121 2.61 -74.66 29.87
N ASP D 122 3.54 -75.54 30.26
CA ASP D 122 3.65 -75.93 31.66
C ASP D 122 4.05 -74.75 32.54
N GLU D 123 4.81 -73.79 31.97
CA GLU D 123 5.21 -72.61 32.73
C GLU D 123 4.01 -71.86 33.27
N GLN D 124 2.92 -71.82 32.49
CA GLN D 124 1.68 -71.21 32.97
C GLN D 124 1.22 -71.86 34.27
N LEU D 125 1.24 -73.19 34.31
CA LEU D 125 0.92 -73.89 35.54
C LEU D 125 2.00 -73.67 36.61
N LYS D 126 3.24 -73.46 36.20
CA LYS D 126 4.30 -73.20 37.17
C LYS D 126 4.13 -71.84 37.84
N SER D 127 3.50 -70.89 37.15
CA SER D 127 3.23 -69.58 37.69
C SER D 127 1.82 -69.45 38.28
N GLY D 128 1.06 -70.55 38.29
CA GLY D 128 -0.28 -70.53 38.81
C GLY D 128 -1.33 -69.96 37.87
N THR D 129 -1.00 -69.77 36.61
CA THR D 129 -1.91 -69.20 35.62
C THR D 129 -2.20 -70.23 34.53
N ALA D 130 -2.91 -69.79 33.50
CA ALA D 130 -3.21 -70.64 32.35
C ALA D 130 -3.52 -69.75 31.15
N SER D 131 -3.36 -70.33 29.96
CA SER D 131 -3.71 -69.61 28.73
C SER D 131 -3.86 -70.64 27.62
N VAL D 132 -5.07 -70.77 27.09
CA VAL D 132 -5.32 -71.60 25.91
C VAL D 132 -5.44 -70.66 24.71
N VAL D 133 -4.70 -70.97 23.65
CA VAL D 133 -4.58 -70.08 22.49
C VAL D 133 -5.32 -70.71 21.32
N CYS D 134 -6.28 -69.97 20.76
CA CYS D 134 -7.01 -70.38 19.57
C CYS D 134 -6.63 -69.43 18.44
N LEU D 135 -6.13 -69.99 17.34
CA LEU D 135 -5.51 -69.22 16.26
C LEU D 135 -6.27 -69.43 14.97
N LEU D 136 -6.75 -68.33 14.39
CA LEU D 136 -7.29 -68.32 13.04
C LEU D 136 -6.28 -67.67 12.10
N ASN D 137 -6.29 -68.11 10.84
CA ASN D 137 -5.25 -67.65 9.92
C ASN D 137 -5.78 -67.59 8.49
N ASN D 138 -5.50 -66.49 7.79
CA ASN D 138 -5.79 -66.33 6.37
C ASN D 138 -7.29 -66.49 6.07
N PHE D 139 -8.08 -65.58 6.60
CA PHE D 139 -9.50 -65.50 6.26
C PHE D 139 -9.86 -64.05 5.97
N TYR D 140 -10.58 -63.84 4.87
CA TYR D 140 -10.87 -62.47 4.43
C TYR D 140 -11.69 -61.66 5.43
N PRO D 141 -12.84 -62.13 5.93
CA PRO D 141 -13.67 -61.26 6.76
C PRO D 141 -12.98 -60.87 8.06
N ARG D 142 -13.44 -59.76 8.63
CA ARG D 142 -12.74 -59.15 9.77
C ARG D 142 -12.67 -60.09 10.96
N GLU D 143 -13.78 -60.74 11.30
CA GLU D 143 -13.81 -61.60 12.47
C GLU D 143 -14.79 -62.75 12.25
N ALA D 144 -14.57 -63.81 13.03
CA ALA D 144 -15.42 -64.99 13.00
C ALA D 144 -15.71 -65.40 14.45
N LYS D 145 -16.57 -66.41 14.60
CA LYS D 145 -16.96 -66.87 15.92
C LYS D 145 -15.89 -67.80 16.50
N VAL D 146 -15.45 -67.49 17.71
CA VAL D 146 -14.47 -68.30 18.45
C VAL D 146 -15.11 -68.65 19.78
N GLN D 147 -15.37 -69.94 20.00
CA GLN D 147 -16.04 -70.41 21.20
C GLN D 147 -15.27 -71.57 21.81
N TRP D 148 -15.14 -71.55 23.14
CA TRP D 148 -14.50 -72.63 23.87
C TRP D 148 -15.54 -73.65 24.33
N LYS D 149 -15.11 -74.90 24.44
CA LYS D 149 -15.94 -76.00 24.91
C LYS D 149 -15.22 -76.81 25.97
N VAL D 150 -14.68 -76.10 26.97
CA VAL D 150 -13.94 -76.76 28.04
C VAL D 150 -14.86 -77.75 28.75
N ASP D 151 -14.45 -79.02 28.74
CA ASP D 151 -15.27 -80.11 29.27
C ASP D 151 -16.67 -80.11 28.65
N ASN D 152 -16.71 -79.86 27.34
CA ASN D 152 -17.97 -79.76 26.59
C ASN D 152 -18.89 -78.70 27.19
N ALA D 153 -18.31 -77.62 27.72
CA ALA D 153 -19.07 -76.53 28.32
C ALA D 153 -18.49 -75.21 27.85
N LEU D 154 -19.38 -74.31 27.43
CA LEU D 154 -18.96 -73.00 26.96
C LEU D 154 -18.50 -72.13 28.12
N GLN D 155 -17.49 -71.29 27.86
CA GLN D 155 -16.97 -70.36 28.84
C GLN D 155 -16.89 -68.96 28.24
N SER D 156 -17.07 -67.96 29.09
CA SER D 156 -17.01 -66.57 28.64
C SER D 156 -16.62 -65.69 29.82
N GLY D 157 -16.19 -64.48 29.50
CA GLY D 157 -15.78 -63.52 30.51
C GLY D 157 -14.37 -63.67 31.01
N ASN D 158 -13.59 -64.60 30.44
CA ASN D 158 -12.21 -64.81 30.87
C ASN D 158 -11.28 -65.01 29.66
N SER D 159 -11.59 -64.38 28.54
CA SER D 159 -10.81 -64.56 27.32
C SER D 159 -10.70 -63.23 26.59
N GLN D 160 -9.66 -63.14 25.76
CA GLN D 160 -9.34 -61.91 25.02
C GLN D 160 -9.09 -62.25 23.56
N GLU D 161 -9.39 -61.29 22.69
CA GLU D 161 -9.29 -61.47 21.24
C GLU D 161 -8.40 -60.40 20.64
N SER D 162 -7.80 -60.72 19.49
CA SER D 162 -6.88 -59.83 18.82
C SER D 162 -6.99 -60.04 17.32
N VAL D 163 -7.05 -58.93 16.57
CA VAL D 163 -7.23 -58.94 15.13
C VAL D 163 -6.08 -58.18 14.48
N THR D 164 -5.43 -58.79 13.49
CA THR D 164 -4.29 -58.15 12.84
C THR D 164 -4.76 -57.24 11.71
N GLU D 165 -3.79 -56.65 11.02
CA GLU D 165 -4.07 -55.74 9.92
C GLU D 165 -4.12 -56.50 8.59
N GLN D 166 -4.79 -55.90 7.62
CA GLN D 166 -4.94 -56.52 6.31
C GLN D 166 -3.61 -56.57 5.58
N ASP D 167 -3.36 -57.70 4.92
CA ASP D 167 -2.08 -57.91 4.24
C ASP D 167 -2.06 -57.19 2.90
N SER D 168 -0.92 -56.59 2.57
CA SER D 168 -0.76 -55.90 1.30
C SER D 168 -0.43 -56.84 0.15
N LYS D 169 -0.12 -58.10 0.44
CA LYS D 169 0.27 -59.03 -0.61
C LYS D 169 -0.93 -59.81 -1.14
N ASP D 170 -1.74 -60.37 -0.24
CA ASP D 170 -2.84 -61.24 -0.63
C ASP D 170 -4.18 -60.83 -0.03
N SER D 171 -4.24 -59.70 0.67
CA SER D 171 -5.50 -59.18 1.22
C SER D 171 -6.20 -60.20 2.12
N THR D 172 -5.52 -60.56 3.21
CA THR D 172 -6.06 -61.53 4.16
C THR D 172 -6.08 -60.93 5.56
N TYR D 173 -6.76 -61.62 6.47
CA TYR D 173 -6.85 -61.23 7.87
C TYR D 173 -6.58 -62.44 8.74
N SER D 174 -6.14 -62.19 9.97
CA SER D 174 -5.88 -63.23 10.95
C SER D 174 -6.43 -62.81 12.29
N LEU D 175 -6.72 -63.79 13.14
CA LEU D 175 -7.28 -63.53 14.46
C LEU D 175 -6.69 -64.53 15.45
N SER D 176 -6.51 -64.08 16.69
CA SER D 176 -6.07 -64.94 17.77
C SER D 176 -6.89 -64.65 19.01
N SER D 177 -6.95 -65.63 19.90
CA SER D 177 -7.66 -65.44 21.16
C SER D 177 -6.95 -66.26 22.24
N THR D 178 -6.95 -65.71 23.46
CA THR D 178 -6.29 -66.33 24.60
C THR D 178 -7.27 -66.44 25.75
N LEU D 179 -7.25 -67.59 26.43
CA LEU D 179 -8.10 -67.86 27.59
C LEU D 179 -7.22 -68.00 28.81
N THR D 180 -7.51 -67.21 29.85
CA THR D 180 -6.69 -67.15 31.05
C THR D 180 -7.45 -67.72 32.23
N LEU D 181 -6.82 -68.66 32.93
CA LEU D 181 -7.36 -69.24 34.15
C LEU D 181 -6.20 -69.51 35.11
N SER D 182 -6.52 -70.07 36.26
CA SER D 182 -5.52 -70.45 37.25
C SER D 182 -5.15 -71.91 37.10
N LYS D 183 -4.05 -72.31 37.76
CA LYS D 183 -3.61 -73.69 37.67
C LYS D 183 -4.61 -74.65 38.31
N ALA D 184 -5.18 -74.25 39.45
CA ALA D 184 -6.19 -75.09 40.09
C ALA D 184 -7.44 -75.19 39.22
N ASP D 185 -7.88 -74.07 38.64
CA ASP D 185 -9.04 -74.10 37.76
C ASP D 185 -8.77 -74.93 36.51
N TYR D 186 -7.55 -74.82 35.96
CA TYR D 186 -7.20 -75.62 34.80
C TYR D 186 -7.21 -77.11 35.13
N GLU D 187 -6.65 -77.48 36.30
CA GLU D 187 -6.65 -78.88 36.69
C GLU D 187 -8.04 -79.39 37.05
N LYS D 188 -8.95 -78.49 37.42
CA LYS D 188 -10.33 -78.91 37.70
C LYS D 188 -10.97 -79.51 36.45
N HIS D 189 -10.76 -78.90 35.29
CA HIS D 189 -11.27 -79.42 34.04
C HIS D 189 -10.34 -80.50 33.50
N LYS D 190 -10.82 -81.23 32.49
CA LYS D 190 -10.05 -82.32 31.91
C LYS D 190 -9.97 -82.22 30.39
N VAL D 191 -10.98 -81.61 29.77
CA VAL D 191 -11.07 -81.51 28.32
C VAL D 191 -11.22 -80.05 27.93
N TYR D 192 -10.42 -79.60 26.95
CA TYR D 192 -10.50 -78.25 26.42
C TYR D 192 -10.75 -78.32 24.92
N ALA D 193 -11.44 -77.32 24.39
CA ALA D 193 -11.77 -77.30 22.97
C ALA D 193 -11.97 -75.87 22.50
N CYS D 194 -11.80 -75.67 21.20
CA CYS D 194 -12.09 -74.41 20.54
C CYS D 194 -12.91 -74.69 19.29
N GLU D 195 -14.02 -73.97 19.14
CA GLU D 195 -14.91 -74.10 18.00
C GLU D 195 -14.89 -72.81 17.20
N VAL D 196 -14.70 -72.93 15.89
CA VAL D 196 -14.62 -71.79 14.98
C VAL D 196 -15.71 -71.93 13.93
N THR D 197 -16.52 -70.88 13.79
CA THR D 197 -17.56 -70.83 12.78
C THR D 197 -17.22 -69.74 11.78
N HIS D 198 -17.15 -70.11 10.50
CA HIS D 198 -16.71 -69.19 9.46
C HIS D 198 -17.61 -69.35 8.24
N GLN D 199 -17.70 -68.27 7.45
CA GLN D 199 -18.53 -68.29 6.25
C GLN D 199 -17.99 -69.28 5.22
N GLY D 200 -16.67 -69.36 5.09
CA GLY D 200 -16.05 -70.24 4.11
C GLY D 200 -15.97 -71.70 4.50
N LEU D 201 -16.43 -72.05 5.68
CA LEU D 201 -16.42 -73.43 6.15
C LEU D 201 -17.82 -74.03 6.04
N SER D 202 -17.90 -75.24 5.49
CA SER D 202 -19.20 -75.90 5.38
C SER D 202 -19.79 -76.18 6.76
N SER D 203 -18.96 -76.60 7.70
CA SER D 203 -19.36 -76.84 9.08
C SER D 203 -18.34 -76.21 10.02
N PRO D 204 -18.77 -75.79 11.21
CA PRO D 204 -17.81 -75.25 12.18
C PRO D 204 -16.76 -76.28 12.55
N VAL D 205 -15.53 -75.81 12.74
CA VAL D 205 -14.39 -76.68 12.99
C VAL D 205 -14.10 -76.67 14.49
N THR D 206 -14.04 -77.85 15.09
CA THR D 206 -13.75 -78.01 16.51
C THR D 206 -12.40 -78.70 16.67
N LYS D 207 -11.50 -78.06 17.42
CA LYS D 207 -10.21 -78.64 17.74
C LYS D 207 -10.13 -78.79 19.25
N SER D 208 -9.91 -80.02 19.73
CA SER D 208 -9.99 -80.32 21.14
C SER D 208 -8.80 -81.13 21.59
N PHE D 209 -8.51 -81.05 22.89
CA PHE D 209 -7.48 -81.86 23.53
C PHE D 209 -7.91 -82.10 24.97
N ASN D 210 -7.12 -82.89 25.69
CA ASN D 210 -7.44 -83.24 27.06
C ASN D 210 -6.21 -83.05 27.95
N ARG D 211 -6.46 -83.01 29.26
CA ARG D 211 -5.39 -82.81 30.22
C ARG D 211 -4.40 -83.97 30.20
N GLY D 212 -4.91 -85.20 30.06
CA GLY D 212 -4.08 -86.39 30.11
C GLY D 212 -3.14 -86.56 28.93
N GLU D 213 -3.37 -85.86 27.83
CA GLU D 213 -2.50 -85.95 26.67
C GLU D 213 -2.01 -84.58 26.25
C1 NAG E . 21.94 25.93 -27.40
C2 NAG E . 21.61 26.92 -28.52
C3 NAG E . 21.20 26.18 -29.78
C4 NAG E . 22.26 25.15 -30.17
C5 NAG E . 22.55 24.23 -28.98
C6 NAG E . 23.67 23.26 -29.25
C7 NAG E . 20.73 29.19 -28.10
C8 NAG E . 22.07 29.69 -28.55
N2 NAG E . 20.58 27.85 -28.11
O3 NAG E . 21.02 27.11 -30.84
O4 NAG E . 21.81 24.38 -31.27
O5 NAG E . 22.94 25.01 -27.84
O6 NAG E . 24.76 23.88 -29.92
O7 NAG E . 19.84 29.94 -27.76
C1 NAG E . 22.64 24.65 -32.42
C2 NAG E . 21.88 24.22 -33.67
C3 NAG E . 22.70 24.55 -34.92
C4 NAG E . 23.10 26.02 -34.93
C5 NAG E . 23.81 26.37 -33.62
C6 NAG E . 24.14 27.85 -33.51
C7 NAG E . 20.32 22.34 -33.47
C8 NAG E . 19.24 23.37 -33.33
N2 NAG E . 21.56 22.80 -33.63
O3 NAG E . 21.92 24.25 -36.08
O4 NAG E . 23.97 26.28 -36.02
O5 NAG E . 22.96 26.05 -32.51
O6 NAG E . 24.53 28.39 -34.76
O7 NAG E . 20.08 21.13 -33.43
C1 NAG F . -17.89 14.69 -23.12
C2 NAG F . -19.26 14.06 -23.24
C3 NAG F . -19.22 12.91 -24.26
C4 NAG F . -18.66 13.42 -25.59
C5 NAG F . -17.32 14.12 -25.36
C6 NAG F . -16.77 14.75 -26.62
C7 NAG F . -20.91 13.93 -21.42
C8 NAG F . -21.23 13.32 -20.09
N2 NAG F . -19.74 13.56 -21.95
O3 NAG F . -20.53 12.40 -24.45
O4 NAG F . -18.49 12.33 -26.48
O5 NAG F . -17.46 15.16 -24.40
O6 NAG F . -17.79 14.95 -27.60
O7 NAG F . -21.67 14.70 -21.99
C1 NAG G . 10.59 15.30 11.86
C2 NAG G . 12.10 15.08 11.89
C3 NAG G . 12.57 14.47 10.57
C4 NAG G . 11.78 13.21 10.25
C5 NAG G . 10.28 13.50 10.30
C6 NAG G . 9.42 12.27 10.12
C7 NAG G . 13.68 16.46 13.16
C8 NAG G . 14.30 17.82 13.31
N2 NAG G . 12.80 16.32 12.16
O3 NAG G . 13.95 14.16 10.66
O4 NAG G . 12.11 12.74 8.95
O5 NAG G . 9.93 14.06 11.58
O6 NAG G . 9.99 11.38 9.16
O7 NAG G . 13.95 15.54 13.92
C1 NAG H . -11.34 25.66 17.61
C2 NAG H . -10.19 25.83 18.60
C3 NAG H . -10.29 24.80 19.71
C4 NAG H . -11.68 24.87 20.37
C5 NAG H . -12.76 24.73 19.30
C6 NAG H . -14.16 24.91 19.87
C7 NAG H . -7.83 26.44 18.28
C8 NAG H . -6.59 26.20 17.47
N2 NAG H . -8.90 25.72 17.92
O3 NAG H . -9.28 25.05 20.68
O4 NAG H . -11.81 23.83 21.32
O5 NAG H . -12.59 25.75 18.30
O6 NAG H . -15.14 24.43 18.97
O7 NAG H . -7.87 27.24 19.20
C1 NAG I . 12.90 14.13 -23.92
C2 NAG I . 14.25 13.43 -23.73
C3 NAG I . 15.03 13.42 -25.04
C4 NAG I . 14.19 12.81 -26.15
C5 NAG I . 12.86 13.54 -26.25
C6 NAG I . 11.92 12.93 -27.27
C7 NAG I . 15.50 13.41 -21.62
C8 NAG I . 16.28 14.23 -20.63
N2 NAG I . 15.03 14.07 -22.68
O3 NAG I . 16.22 12.67 -24.87
O4 NAG I . 14.88 12.91 -27.39
O5 NAG I . 12.18 13.51 -24.99
O6 NAG I . 10.70 12.51 -26.67
O7 NAG I . 15.30 12.21 -21.46
C1 NAG J . 20.59 55.83 -29.98
C2 NAG J . 20.49 56.92 -28.91
C3 NAG J . 20.68 58.31 -29.54
C4 NAG J . 21.97 58.35 -30.35
C5 NAG J . 22.00 57.21 -31.36
C6 NAG J . 23.30 57.12 -32.12
C7 NAG J . 18.02 57.00 -28.76
C8 NAG J . 16.85 56.89 -27.83
N2 NAG J . 19.23 56.85 -28.19
O3 NAG J . 20.72 59.29 -28.51
O4 NAG J . 22.07 59.59 -31.04
O5 NAG J . 21.84 55.95 -30.69
O6 NAG J . 24.34 57.80 -31.45
O7 NAG J . 17.88 57.22 -29.96
ZN ZN K . 0.05 31.61 -14.15
C1 NAG L . -0.28 -15.57 -22.45
C2 NAG L . 0.63 -16.07 -23.57
C3 NAG L . 0.24 -15.42 -24.89
C4 NAG L . -1.25 -15.62 -25.17
C5 NAG L . -2.08 -15.15 -23.98
C6 NAG L . -3.56 -15.44 -24.13
C7 NAG L . 2.95 -16.78 -23.22
C8 NAG L . 4.34 -16.33 -22.89
N2 NAG L . 2.03 -15.81 -23.27
O3 NAG L . 1.01 -15.97 -25.95
O4 NAG L . -1.63 -14.89 -26.33
O5 NAG L . -1.64 -15.82 -22.78
O6 NAG L . -3.86 -16.77 -23.74
O7 NAG L . 2.68 -17.95 -23.43
#